data_2FEU
#
_entry.id   2FEU
#
_cell.length_a   67.130
_cell.length_b   62.230
_cell.length_c   94.710
_cell.angle_alpha   90.00
_cell.angle_beta   90.64
_cell.angle_gamma   90.00
#
_symmetry.space_group_name_H-M   'P 1 21 1'
#
loop_
_entity.id
_entity.type
_entity.pdbx_description
1 polymer 'Cytochrome P450-cam'
2 non-polymer 'POTASSIUM ION'
3 non-polymer 'PROTOPORPHYRIN IX CONTAINING MN'
4 non-polymer CAMPHOR
5 non-polymer 2-AMINO-2-HYDROXYMETHYL-PROPANE-1,3-DIOL
6 water water
#
_entity_poly.entity_id   1
_entity_poly.type   'polypeptide(L)'
_entity_poly.pdbx_seq_one_letter_code
;NLAPLPPHVPEHLVFDFDMYNPSNLSAGVQEAWAVLQESNVPDLVWTRCNGGHWIATRGQLIREAYEDYRHFSSECPFIP
REAGEAYDFIPTSMDPPEQRQFRALANQVVGMPVVDKLENRIQELACSLIESLRPQGQCNFTEDYAEPFPIRIFMLLAGL
PEEDIPHLKYLTDQMTRPDGSMTFAEAKEALYDYLIPIIEQRRQKPGTDAISIVANGQVNGRPITSDEAKRMCGLLLVGG
LDTVVNFLSFSMEFLAKSPEHRQELIERPERIPAACEELLRRFSLVADGRILTSDYEFHGVQLKKGDQILLPQMLSGLDE
RENACPMHVDFSRQKVSHTTFGHGSHLCLGQHLARREIIVTLKEWLTRIPDFSIAPGAQIQHKSGIVSGVQALPLVWDPA
TTKAVHHHHHH
;
_entity_poly.pdbx_strand_id   A,B
#
# COMPACT_ATOMS: atom_id res chain seq x y z
N LEU A 2 -32.75 -28.07 -25.32
CA LEU A 2 -33.00 -28.94 -24.13
C LEU A 2 -32.75 -30.41 -24.50
N ALA A 3 -32.40 -31.22 -23.49
CA ALA A 3 -32.14 -32.64 -23.71
C ALA A 3 -33.10 -33.50 -22.90
N PRO A 4 -33.53 -34.64 -23.48
CA PRO A 4 -34.45 -35.56 -22.80
C PRO A 4 -34.01 -35.90 -21.38
N LEU A 5 -34.92 -35.72 -20.43
CA LEU A 5 -34.65 -35.99 -19.02
C LEU A 5 -34.39 -37.48 -18.73
N PRO A 6 -33.27 -37.78 -18.05
CA PRO A 6 -32.88 -39.16 -17.69
C PRO A 6 -33.88 -39.86 -16.80
N PRO A 7 -33.81 -41.21 -16.72
CA PRO A 7 -34.69 -42.04 -15.90
C PRO A 7 -34.49 -41.85 -14.40
N HIS A 8 -33.24 -41.90 -13.95
CA HIS A 8 -32.92 -41.74 -12.54
C HIS A 8 -33.08 -40.31 -12.05
N VAL A 9 -33.25 -39.39 -12.99
CA VAL A 9 -33.42 -37.97 -12.65
C VAL A 9 -34.88 -37.64 -12.43
N PRO A 10 -35.26 -37.29 -11.18
CA PRO A 10 -36.63 -36.94 -10.82
C PRO A 10 -37.19 -35.77 -11.63
N GLU A 11 -38.08 -34.99 -11.01
CA GLU A 11 -38.68 -33.85 -11.72
C GLU A 11 -38.60 -32.56 -10.91
N HIS A 12 -38.59 -32.68 -9.59
CA HIS A 12 -38.56 -31.51 -8.73
C HIS A 12 -37.18 -30.85 -8.65
N LEU A 13 -36.14 -31.60 -8.96
CA LEU A 13 -34.78 -31.07 -8.92
C LEU A 13 -34.33 -30.56 -10.27
N VAL A 14 -35.27 -30.41 -11.20
CA VAL A 14 -34.92 -29.94 -12.54
C VAL A 14 -34.90 -28.42 -12.66
N PHE A 15 -33.69 -27.87 -12.74
CA PHE A 15 -33.50 -26.42 -12.89
C PHE A 15 -32.76 -26.23 -14.20
N ASP A 16 -33.48 -25.80 -15.23
CA ASP A 16 -32.88 -25.59 -16.54
C ASP A 16 -31.99 -24.35 -16.61
N PHE A 17 -30.75 -24.52 -16.17
CA PHE A 17 -29.78 -23.44 -16.17
C PHE A 17 -28.82 -23.66 -17.34
N ASP A 18 -28.56 -22.60 -18.10
CA ASP A 18 -27.66 -22.68 -19.24
C ASP A 18 -26.38 -21.92 -18.87
N MET A 19 -25.33 -22.67 -18.53
CA MET A 19 -24.06 -22.09 -18.13
C MET A 19 -23.40 -21.21 -19.19
N TYR A 20 -23.80 -21.39 -20.44
CA TYR A 20 -23.23 -20.61 -21.53
C TYR A 20 -24.12 -19.44 -21.94
N ASN A 21 -25.24 -19.29 -21.25
CA ASN A 21 -26.18 -18.21 -21.55
C ASN A 21 -27.28 -18.13 -20.49
N PRO A 22 -26.91 -17.83 -19.24
CA PRO A 22 -27.86 -17.73 -18.13
C PRO A 22 -28.93 -16.65 -18.32
N SER A 23 -30.13 -16.93 -17.80
CA SER A 23 -31.27 -16.03 -17.91
C SER A 23 -31.04 -14.59 -17.46
N ASN A 24 -30.55 -14.41 -16.25
CA ASN A 24 -30.34 -13.06 -15.71
C ASN A 24 -28.95 -12.49 -15.97
N LEU A 25 -28.35 -12.88 -17.09
CA LEU A 25 -27.01 -12.41 -17.44
C LEU A 25 -26.93 -10.89 -17.48
N SER A 26 -28.07 -10.24 -17.74
CA SER A 26 -28.11 -8.79 -17.82
C SER A 26 -27.76 -8.11 -16.51
N ALA A 27 -28.08 -8.76 -15.39
CA ALA A 27 -27.80 -8.21 -14.07
C ALA A 27 -26.37 -8.51 -13.60
N GLY A 28 -25.57 -9.11 -14.48
CA GLY A 28 -24.21 -9.45 -14.13
C GLY A 28 -24.08 -10.95 -14.07
N VAL A 29 -22.98 -11.50 -14.55
CA VAL A 29 -22.80 -12.94 -14.56
C VAL A 29 -22.82 -13.59 -13.17
N GLN A 30 -22.16 -12.98 -12.19
CA GLN A 30 -22.15 -13.56 -10.85
C GLN A 30 -23.58 -13.58 -10.31
N GLU A 31 -24.32 -12.52 -10.64
CA GLU A 31 -25.72 -12.41 -10.23
C GLU A 31 -26.49 -13.52 -10.94
N ALA A 32 -26.16 -13.74 -12.21
CA ALA A 32 -26.79 -14.76 -13.03
C ALA A 32 -26.66 -16.15 -12.42
N TRP A 33 -25.48 -16.47 -11.91
CA TRP A 33 -25.28 -17.80 -11.31
C TRP A 33 -25.85 -17.88 -9.89
N ALA A 34 -25.98 -16.73 -9.23
CA ALA A 34 -26.49 -16.70 -7.87
C ALA A 34 -27.95 -17.14 -7.74
N VAL A 35 -28.71 -17.09 -8.82
CA VAL A 35 -30.11 -17.50 -8.78
C VAL A 35 -30.23 -18.96 -8.39
N LEU A 36 -29.14 -19.70 -8.57
CA LEU A 36 -29.13 -21.12 -8.21
C LEU A 36 -28.96 -21.29 -6.71
N GLN A 37 -28.85 -20.17 -6.00
CA GLN A 37 -28.68 -20.21 -4.55
C GLN A 37 -29.83 -19.58 -3.75
N GLU A 38 -30.95 -19.33 -4.43
CA GLU A 38 -32.12 -18.77 -3.78
C GLU A 38 -32.78 -19.84 -2.91
N SER A 39 -33.59 -19.42 -1.95
CA SER A 39 -34.26 -20.36 -1.05
C SER A 39 -35.12 -21.38 -1.80
N ASN A 40 -35.67 -20.95 -2.93
CA ASN A 40 -36.51 -21.82 -3.75
C ASN A 40 -35.75 -22.89 -4.54
N VAL A 41 -34.42 -22.80 -4.53
CA VAL A 41 -33.61 -23.76 -5.26
C VAL A 41 -32.86 -24.71 -4.31
N PRO A 42 -32.91 -26.02 -4.61
CA PRO A 42 -32.25 -27.04 -3.79
C PRO A 42 -30.74 -27.06 -4.03
N ASP A 43 -30.01 -27.70 -3.13
CA ASP A 43 -28.56 -27.81 -3.20
C ASP A 43 -28.12 -28.35 -4.55
N LEU A 44 -28.64 -29.52 -4.92
CA LEU A 44 -28.27 -30.15 -6.17
C LEU A 44 -29.45 -30.28 -7.13
N VAL A 45 -29.28 -29.74 -8.33
CA VAL A 45 -30.32 -29.77 -9.35
C VAL A 45 -29.80 -30.34 -10.66
N TRP A 46 -30.72 -30.62 -11.59
CA TRP A 46 -30.36 -31.16 -12.90
C TRP A 46 -30.87 -30.25 -14.00
N THR A 47 -30.01 -29.94 -14.96
CA THR A 47 -30.40 -29.08 -16.07
C THR A 47 -30.35 -29.83 -17.38
N ARG A 48 -31.31 -29.56 -18.26
CA ARG A 48 -31.39 -30.22 -19.55
C ARG A 48 -30.74 -29.39 -20.66
N CYS A 49 -29.99 -28.38 -20.27
CA CYS A 49 -29.29 -27.53 -21.23
C CYS A 49 -27.94 -28.14 -21.56
N ASN A 50 -27.41 -27.80 -22.71
CA ASN A 50 -26.11 -28.29 -23.15
C ASN A 50 -25.93 -29.80 -22.97
N GLY A 51 -27.01 -30.56 -23.15
CA GLY A 51 -26.92 -32.01 -23.03
C GLY A 51 -27.39 -32.63 -21.74
N GLY A 52 -27.55 -31.84 -20.68
CA GLY A 52 -28.01 -32.39 -19.42
C GLY A 52 -26.90 -32.75 -18.44
N HIS A 53 -27.01 -32.25 -17.21
CA HIS A 53 -26.00 -32.53 -16.19
C HIS A 53 -26.43 -31.97 -14.83
N TRP A 54 -25.78 -32.47 -13.77
CA TRP A 54 -26.09 -32.01 -12.42
C TRP A 54 -25.36 -30.70 -12.14
N ILE A 55 -25.76 -30.02 -11.07
CA ILE A 55 -25.14 -28.75 -10.67
C ILE A 55 -25.24 -28.58 -9.17
N ALA A 56 -24.10 -28.65 -8.48
CA ALA A 56 -24.07 -28.46 -7.04
C ALA A 56 -24.10 -26.94 -6.85
N THR A 57 -25.08 -26.43 -6.11
CA THR A 57 -25.23 -24.99 -5.91
C THR A 57 -24.75 -24.46 -4.56
N ARG A 58 -24.13 -25.31 -3.75
CA ARG A 58 -23.64 -24.87 -2.44
C ARG A 58 -22.19 -25.21 -2.23
N GLY A 59 -21.47 -24.30 -1.58
CA GLY A 59 -20.05 -24.51 -1.33
C GLY A 59 -19.74 -25.80 -0.61
N GLN A 60 -20.65 -26.25 0.26
CA GLN A 60 -20.44 -27.48 1.01
C GLN A 60 -20.33 -28.71 0.10
N LEU A 61 -21.22 -28.82 -0.88
CA LEU A 61 -21.19 -29.96 -1.79
C LEU A 61 -20.12 -29.78 -2.88
N ILE A 62 -19.87 -28.54 -3.26
CA ILE A 62 -18.86 -28.25 -4.28
C ILE A 62 -17.51 -28.70 -3.76
N ARG A 63 -17.19 -28.31 -2.54
CA ARG A 63 -15.92 -28.68 -1.91
C ARG A 63 -15.81 -30.18 -1.72
N GLU A 64 -16.84 -30.77 -1.13
CA GLU A 64 -16.85 -32.21 -0.87
C GLU A 64 -16.61 -33.04 -2.13
N ALA A 65 -17.25 -32.66 -3.23
CA ALA A 65 -17.08 -33.40 -4.48
C ALA A 65 -15.66 -33.27 -5.02
N TYR A 66 -15.07 -32.08 -4.93
CA TYR A 66 -13.71 -31.86 -5.42
C TYR A 66 -12.67 -32.63 -4.61
N GLU A 67 -13.03 -33.05 -3.40
CA GLU A 67 -12.12 -33.80 -2.53
C GLU A 67 -12.22 -35.30 -2.81
N ASP A 68 -13.41 -35.75 -3.20
CA ASP A 68 -13.63 -37.16 -3.47
C ASP A 68 -13.43 -37.48 -4.95
N TYR A 69 -12.17 -37.64 -5.34
CA TYR A 69 -11.83 -37.93 -6.73
C TYR A 69 -12.07 -39.40 -7.08
N ARG A 70 -12.41 -40.19 -6.07
CA ARG A 70 -12.66 -41.61 -6.29
C ARG A 70 -14.02 -41.76 -6.96
N HIS A 71 -14.94 -40.84 -6.66
CA HIS A 71 -16.28 -40.85 -7.26
C HIS A 71 -16.45 -39.79 -8.34
N PHE A 72 -15.82 -38.64 -8.14
CA PHE A 72 -15.90 -37.53 -9.09
C PHE A 72 -14.57 -37.35 -9.81
N SER A 73 -14.44 -38.01 -10.95
CA SER A 73 -13.22 -37.97 -11.75
C SER A 73 -13.10 -36.76 -12.65
N SER A 74 -11.87 -36.26 -12.81
CA SER A 74 -11.60 -35.10 -13.65
C SER A 74 -11.28 -35.53 -15.07
N GLU A 75 -11.49 -36.81 -15.37
CA GLU A 75 -11.23 -37.36 -16.69
C GLU A 75 -12.06 -36.63 -17.74
N CYS A 76 -13.27 -36.25 -17.35
CA CYS A 76 -14.23 -35.55 -18.22
C CYS A 76 -14.76 -34.35 -17.42
N PRO A 77 -13.96 -33.29 -17.29
CA PRO A 77 -14.26 -32.06 -16.55
C PRO A 77 -15.10 -30.96 -17.20
N PHE A 78 -15.28 -31.01 -18.52
CA PHE A 78 -16.06 -29.98 -19.19
C PHE A 78 -17.43 -30.41 -19.67
N ILE A 79 -18.29 -29.42 -19.85
CA ILE A 79 -19.65 -29.60 -20.36
C ILE A 79 -19.68 -28.67 -21.57
N PRO A 80 -20.28 -29.11 -22.69
CA PRO A 80 -20.95 -30.39 -22.96
C PRO A 80 -20.05 -31.61 -22.87
N ARG A 81 -20.65 -32.79 -22.99
CA ARG A 81 -19.91 -34.05 -22.91
C ARG A 81 -18.84 -34.21 -23.97
N GLU A 82 -19.11 -33.78 -25.19
CA GLU A 82 -18.12 -33.89 -26.27
C GLU A 82 -16.87 -33.09 -25.93
N ALA A 83 -17.05 -31.96 -25.24
CA ALA A 83 -15.92 -31.14 -24.84
C ALA A 83 -15.15 -31.89 -23.75
N GLY A 84 -15.87 -32.33 -22.72
CA GLY A 84 -15.25 -33.06 -21.64
C GLY A 84 -14.53 -34.32 -22.09
N GLU A 85 -15.11 -35.04 -23.05
CA GLU A 85 -14.47 -36.26 -23.53
C GLU A 85 -13.23 -35.89 -24.35
N ALA A 86 -13.32 -34.81 -25.10
CA ALA A 86 -12.20 -34.35 -25.92
C ALA A 86 -11.10 -33.71 -25.07
N TYR A 87 -11.49 -33.19 -23.91
CA TYR A 87 -10.56 -32.52 -22.99
C TYR A 87 -9.52 -33.50 -22.46
N ASP A 88 -8.25 -33.27 -22.80
CA ASP A 88 -7.18 -34.15 -22.35
C ASP A 88 -5.96 -33.38 -21.83
N PHE A 89 -6.18 -32.15 -21.40
CA PHE A 89 -5.09 -31.34 -20.86
C PHE A 89 -4.51 -32.00 -19.60
N ILE A 90 -3.22 -31.77 -19.38
CA ILE A 90 -2.51 -32.29 -18.22
C ILE A 90 -2.09 -31.09 -17.36
N PRO A 91 -2.19 -31.22 -16.03
CA PRO A 91 -2.64 -32.36 -15.22
C PRO A 91 -4.14 -32.48 -14.97
N THR A 92 -4.91 -31.49 -15.39
CA THR A 92 -6.35 -31.45 -15.12
C THR A 92 -7.20 -32.67 -15.50
N SER A 93 -6.89 -33.33 -16.62
CA SER A 93 -7.70 -34.48 -17.02
C SER A 93 -7.30 -35.76 -16.28
N MET A 94 -6.36 -35.65 -15.36
CA MET A 94 -5.90 -36.81 -14.60
C MET A 94 -6.32 -36.73 -13.15
N ASP A 95 -6.47 -37.89 -12.53
CA ASP A 95 -6.84 -37.98 -11.11
C ASP A 95 -5.60 -38.48 -10.39
N PRO A 96 -5.52 -38.24 -9.08
CA PRO A 96 -4.34 -38.73 -8.36
C PRO A 96 -4.47 -40.25 -8.40
N PRO A 97 -3.36 -40.98 -8.20
CA PRO A 97 -2.01 -40.47 -7.96
C PRO A 97 -1.28 -40.03 -9.22
N GLU A 98 -1.71 -40.54 -10.37
CA GLU A 98 -1.07 -40.21 -11.64
C GLU A 98 -0.95 -38.73 -11.94
N GLN A 99 -1.88 -37.93 -11.42
CA GLN A 99 -1.87 -36.50 -11.66
C GLN A 99 -0.73 -35.74 -10.98
N ARG A 100 -0.51 -36.06 -9.71
CA ARG A 100 0.50 -35.41 -8.89
C ARG A 100 1.86 -35.13 -9.53
N GLN A 101 2.42 -36.12 -10.20
CA GLN A 101 3.74 -35.95 -10.83
C GLN A 101 3.85 -34.82 -11.83
N PHE A 102 2.78 -34.59 -12.58
CA PHE A 102 2.78 -33.53 -13.58
C PHE A 102 2.68 -32.12 -13.00
N ARG A 103 2.08 -31.98 -11.82
CA ARG A 103 1.95 -30.67 -11.20
C ARG A 103 3.28 -30.03 -10.87
N ALA A 104 4.25 -30.84 -10.47
CA ALA A 104 5.56 -30.32 -10.12
C ALA A 104 6.23 -29.69 -11.32
N LEU A 105 6.13 -30.33 -12.49
CA LEU A 105 6.74 -29.78 -13.68
C LEU A 105 6.06 -28.46 -14.03
N ALA A 106 4.73 -28.44 -13.96
CA ALA A 106 3.98 -27.21 -14.26
C ALA A 106 4.40 -26.09 -13.32
N ASN A 107 4.65 -26.42 -12.07
CA ASN A 107 5.07 -25.44 -11.06
C ASN A 107 6.39 -24.80 -11.43
N GLN A 108 7.25 -25.55 -12.13
CA GLN A 108 8.55 -25.04 -12.54
C GLN A 108 8.45 -23.90 -13.53
N VAL A 109 7.35 -23.83 -14.25
CA VAL A 109 7.19 -22.77 -15.24
C VAL A 109 6.23 -21.65 -14.88
N VAL A 110 5.33 -21.87 -13.93
CA VAL A 110 4.41 -20.81 -13.53
C VAL A 110 4.30 -20.61 -12.02
N GLY A 111 5.05 -21.40 -11.26
CA GLY A 111 5.01 -21.29 -9.80
C GLY A 111 5.67 -20.04 -9.26
N MET A 112 5.67 -19.90 -7.93
CA MET A 112 6.25 -18.74 -7.28
C MET A 112 7.66 -18.40 -7.72
N PRO A 113 8.54 -19.42 -7.88
CA PRO A 113 9.92 -19.13 -8.30
C PRO A 113 9.96 -18.34 -9.61
N VAL A 114 9.07 -18.68 -10.54
CA VAL A 114 9.00 -18.01 -11.82
C VAL A 114 8.39 -16.62 -11.66
N VAL A 115 7.41 -16.51 -10.77
CA VAL A 115 6.79 -15.22 -10.52
C VAL A 115 7.87 -14.27 -9.99
N ASP A 116 8.77 -14.79 -9.16
CA ASP A 116 9.84 -13.96 -8.62
C ASP A 116 10.75 -13.43 -9.72
N LYS A 117 11.07 -14.29 -10.70
CA LYS A 117 11.93 -13.88 -11.80
C LYS A 117 11.25 -12.82 -12.67
N LEU A 118 9.95 -13.01 -12.90
CA LEU A 118 9.16 -12.10 -13.73
C LEU A 118 8.75 -10.81 -13.02
N GLU A 119 9.07 -10.70 -11.73
CA GLU A 119 8.71 -9.53 -10.94
C GLU A 119 8.94 -8.19 -11.64
N ASN A 120 10.18 -7.93 -12.04
CA ASN A 120 10.54 -6.69 -12.71
C ASN A 120 9.73 -6.43 -13.98
N ARG A 121 9.58 -7.46 -14.82
CA ARG A 121 8.84 -7.31 -16.06
C ARG A 121 7.35 -7.10 -15.87
N ILE A 122 6.78 -7.74 -14.86
CA ILE A 122 5.35 -7.60 -14.58
C ILE A 122 5.11 -6.16 -14.15
N GLN A 123 5.95 -5.69 -13.24
CA GLN A 123 5.88 -4.34 -12.74
C GLN A 123 6.07 -3.32 -13.86
N GLU A 124 7.11 -3.52 -14.65
CA GLU A 124 7.43 -2.61 -15.76
C GLU A 124 6.31 -2.49 -16.77
N LEU A 125 5.75 -3.62 -17.17
CA LEU A 125 4.67 -3.59 -18.17
C LEU A 125 3.42 -2.90 -17.65
N ALA A 126 3.03 -3.22 -16.42
CA ALA A 126 1.84 -2.59 -15.83
C ALA A 126 2.01 -1.07 -15.80
N CYS A 127 3.16 -0.61 -15.32
CA CYS A 127 3.39 0.83 -15.25
C CYS A 127 3.40 1.47 -16.64
N SER A 128 4.08 0.84 -17.59
CA SER A 128 4.15 1.40 -18.93
C SER A 128 2.79 1.51 -19.60
N LEU A 129 1.99 0.45 -19.52
CA LEU A 129 0.65 0.44 -20.10
C LEU A 129 -0.25 1.52 -19.50
N ILE A 130 -0.25 1.60 -18.18
CA ILE A 130 -1.08 2.58 -17.47
C ILE A 130 -0.65 4.02 -17.75
N GLU A 131 0.64 4.29 -17.73
CA GLU A 131 1.14 5.64 -17.99
C GLU A 131 0.76 6.10 -19.40
N SER A 132 0.72 5.16 -20.33
CA SER A 132 0.39 5.49 -21.70
C SER A 132 -1.08 5.89 -21.83
N LEU A 133 -1.92 5.26 -21.03
CA LEU A 133 -3.35 5.54 -21.04
C LEU A 133 -3.72 6.77 -20.21
N ARG A 134 -2.99 6.96 -19.11
CA ARG A 134 -3.25 8.05 -18.18
C ARG A 134 -3.69 9.40 -18.73
N PRO A 135 -2.90 10.01 -19.64
CA PRO A 135 -3.30 11.31 -20.19
C PRO A 135 -4.51 11.31 -21.12
N GLN A 136 -4.96 10.13 -21.54
CA GLN A 136 -6.10 10.04 -22.44
C GLN A 136 -7.44 10.36 -21.79
N GLY A 137 -7.56 10.06 -20.49
CA GLY A 137 -8.79 10.31 -19.78
C GLY A 137 -9.86 9.29 -20.15
N GLN A 138 -9.44 8.22 -20.84
CA GLN A 138 -10.36 7.16 -21.25
C GLN A 138 -9.64 5.97 -21.84
N CYS A 139 -10.34 4.84 -21.86
CA CYS A 139 -9.79 3.61 -22.42
C CYS A 139 -10.88 2.55 -22.52
N ASN A 140 -10.55 1.49 -23.24
CA ASN A 140 -11.43 0.34 -23.41
C ASN A 140 -10.59 -0.67 -22.63
N PHE A 141 -10.86 -0.76 -21.34
CA PHE A 141 -10.08 -1.61 -20.45
C PHE A 141 -9.78 -3.04 -20.89
N THR A 142 -10.79 -3.77 -21.38
CA THR A 142 -10.55 -5.14 -21.79
C THR A 142 -9.46 -5.24 -22.84
N GLU A 143 -9.53 -4.37 -23.83
CA GLU A 143 -8.59 -4.34 -24.93
C GLU A 143 -7.28 -3.61 -24.65
N ASP A 144 -7.37 -2.51 -23.89
CA ASP A 144 -6.17 -1.71 -23.60
C ASP A 144 -5.31 -2.17 -22.43
N TYR A 145 -5.84 -3.00 -21.55
CA TYR A 145 -5.05 -3.45 -20.41
C TYR A 145 -5.29 -4.88 -19.97
N ALA A 146 -6.56 -5.23 -19.74
CA ALA A 146 -6.90 -6.57 -19.27
C ALA A 146 -6.31 -7.68 -20.13
N GLU A 147 -6.31 -7.48 -21.44
CA GLU A 147 -5.77 -8.49 -22.34
C GLU A 147 -4.25 -8.41 -22.51
N PRO A 148 -3.74 -7.26 -22.99
CA PRO A 148 -2.29 -7.13 -23.19
C PRO A 148 -1.36 -7.35 -21.98
N PHE A 149 -1.77 -6.92 -20.80
CA PHE A 149 -0.92 -7.08 -19.63
C PHE A 149 -0.64 -8.57 -19.29
N PRO A 150 -1.68 -9.36 -19.00
CA PRO A 150 -1.41 -10.77 -18.68
C PRO A 150 -0.90 -11.58 -19.87
N ILE A 151 -1.50 -11.36 -21.04
CA ILE A 151 -1.11 -12.11 -22.22
C ILE A 151 0.32 -11.88 -22.66
N ARG A 152 0.78 -10.63 -22.67
CA ARG A 152 2.15 -10.35 -23.07
C ARG A 152 3.14 -10.95 -22.07
N ILE A 153 2.77 -10.96 -20.78
CA ILE A 153 3.63 -11.55 -19.77
C ILE A 153 3.71 -13.05 -20.02
N PHE A 154 2.57 -13.66 -20.36
CA PHE A 154 2.58 -15.09 -20.61
C PHE A 154 3.40 -15.42 -21.86
N MET A 155 3.21 -14.66 -22.92
CA MET A 155 3.93 -14.91 -24.17
C MET A 155 5.44 -14.75 -23.95
N LEU A 156 5.82 -13.82 -23.08
CA LEU A 156 7.23 -13.57 -22.77
C LEU A 156 7.80 -14.82 -22.11
N LEU A 157 7.10 -15.31 -21.08
CA LEU A 157 7.49 -16.48 -20.33
C LEU A 157 7.53 -17.74 -21.18
N ALA A 158 6.61 -17.85 -22.12
CA ALA A 158 6.53 -19.02 -22.99
C ALA A 158 7.40 -18.87 -24.22
N GLY A 159 8.01 -17.70 -24.38
CA GLY A 159 8.87 -17.46 -25.53
C GLY A 159 8.15 -17.54 -26.86
N LEU A 160 6.95 -16.99 -26.92
CA LEU A 160 6.17 -16.99 -28.15
C LEU A 160 6.01 -15.56 -28.66
N PRO A 161 6.10 -15.36 -29.98
CA PRO A 161 5.98 -14.01 -30.53
C PRO A 161 4.59 -13.39 -30.31
N GLU A 162 4.56 -12.11 -29.97
CA GLU A 162 3.30 -11.42 -29.72
C GLU A 162 2.37 -11.38 -30.92
N GLU A 163 2.92 -11.50 -32.13
CA GLU A 163 2.08 -11.48 -33.31
C GLU A 163 1.13 -12.68 -33.36
N ASP A 164 1.40 -13.67 -32.52
CA ASP A 164 0.56 -14.87 -32.49
C ASP A 164 -0.63 -14.75 -31.54
N ILE A 165 -0.69 -13.68 -30.76
CA ILE A 165 -1.78 -13.51 -29.81
C ILE A 165 -3.20 -13.56 -30.38
N PRO A 166 -3.47 -12.85 -31.49
CA PRO A 166 -4.84 -12.91 -32.03
C PRO A 166 -5.33 -14.33 -32.28
N HIS A 167 -4.50 -15.13 -32.93
CA HIS A 167 -4.85 -16.52 -33.24
C HIS A 167 -5.05 -17.35 -31.97
N LEU A 168 -4.06 -17.32 -31.09
CA LEU A 168 -4.12 -18.09 -29.84
C LEU A 168 -5.25 -17.66 -28.92
N LYS A 169 -5.49 -16.36 -28.81
CA LYS A 169 -6.56 -15.87 -27.94
C LYS A 169 -7.92 -16.28 -28.51
N TYR A 170 -8.01 -16.31 -29.83
CA TYR A 170 -9.26 -16.71 -30.47
C TYR A 170 -9.56 -18.16 -30.09
N LEU A 171 -8.55 -19.02 -30.24
CA LEU A 171 -8.70 -20.43 -29.92
C LEU A 171 -9.04 -20.71 -28.46
N THR A 172 -8.33 -20.06 -27.53
CA THR A 172 -8.60 -20.27 -26.10
C THR A 172 -10.04 -19.90 -25.75
N ASP A 173 -10.52 -18.81 -26.32
CA ASP A 173 -11.87 -18.31 -26.06
C ASP A 173 -12.96 -19.26 -26.55
N GLN A 174 -12.67 -20.03 -27.59
CA GLN A 174 -13.66 -20.97 -28.11
C GLN A 174 -13.80 -22.17 -27.19
N MET A 175 -12.79 -22.42 -26.37
CA MET A 175 -12.82 -23.54 -25.44
C MET A 175 -13.54 -23.20 -24.14
N THR A 176 -13.67 -21.90 -23.87
CA THR A 176 -14.32 -21.45 -22.64
C THR A 176 -15.65 -20.74 -22.90
N ARG A 177 -15.73 -19.97 -23.97
CA ARG A 177 -16.93 -19.24 -24.34
C ARG A 177 -17.07 -19.28 -25.86
N PRO A 178 -17.22 -20.48 -26.43
CA PRO A 178 -17.36 -20.64 -27.88
C PRO A 178 -18.44 -19.78 -28.53
N ASP A 179 -18.11 -19.20 -29.67
CA ASP A 179 -19.07 -18.37 -30.40
C ASP A 179 -19.86 -19.23 -31.38
N GLY A 180 -19.56 -20.53 -31.39
CA GLY A 180 -20.26 -21.44 -32.27
C GLY A 180 -19.51 -21.85 -33.52
N SER A 181 -18.44 -21.13 -33.85
CA SER A 181 -17.66 -21.43 -35.03
C SER A 181 -16.78 -22.67 -34.87
N MET A 182 -16.42 -22.97 -33.63
CA MET A 182 -15.59 -24.14 -33.35
C MET A 182 -16.08 -24.94 -32.15
N THR A 183 -15.97 -26.27 -32.26
CA THR A 183 -16.34 -27.14 -31.16
C THR A 183 -15.10 -27.12 -30.27
N PHE A 184 -15.23 -27.58 -29.04
CA PHE A 184 -14.08 -27.58 -28.15
C PHE A 184 -12.96 -28.42 -28.76
N ALA A 185 -13.32 -29.57 -29.31
CA ALA A 185 -12.36 -30.49 -29.91
C ALA A 185 -11.59 -29.83 -31.06
N GLU A 186 -12.27 -29.04 -31.87
CA GLU A 186 -11.61 -28.38 -32.99
C GLU A 186 -10.67 -27.30 -32.46
N ALA A 187 -11.13 -26.52 -31.50
CA ALA A 187 -10.30 -25.48 -30.92
C ALA A 187 -9.07 -26.09 -30.26
N LYS A 188 -9.27 -27.21 -29.57
CA LYS A 188 -8.17 -27.88 -28.90
C LYS A 188 -7.15 -28.40 -29.89
N GLU A 189 -7.60 -29.09 -30.93
CA GLU A 189 -6.67 -29.62 -31.93
C GLU A 189 -5.91 -28.52 -32.66
N ALA A 190 -6.52 -27.34 -32.76
CA ALA A 190 -5.86 -26.23 -33.44
C ALA A 190 -4.75 -25.68 -32.54
N LEU A 191 -4.97 -25.70 -31.24
CA LEU A 191 -3.97 -25.22 -30.29
C LEU A 191 -2.80 -26.21 -30.31
N TYR A 192 -3.11 -27.50 -30.36
CA TYR A 192 -2.07 -28.53 -30.40
C TYR A 192 -1.28 -28.43 -31.70
N ASP A 193 -1.98 -28.14 -32.79
CA ASP A 193 -1.33 -28.00 -34.10
C ASP A 193 -0.29 -26.87 -34.01
N TYR A 194 -0.64 -25.81 -33.29
CA TYR A 194 0.25 -24.68 -33.12
C TYR A 194 1.48 -25.09 -32.31
N LEU A 195 1.25 -25.84 -31.24
CA LEU A 195 2.32 -26.27 -30.35
C LEU A 195 3.25 -27.39 -30.83
N ILE A 196 2.70 -28.39 -31.51
CA ILE A 196 3.50 -29.52 -31.97
C ILE A 196 4.88 -29.21 -32.56
N PRO A 197 4.95 -28.38 -33.61
CA PRO A 197 6.27 -28.06 -34.20
C PRO A 197 7.19 -27.31 -33.25
N ILE A 198 6.61 -26.46 -32.42
CA ILE A 198 7.37 -25.67 -31.46
C ILE A 198 8.02 -26.56 -30.40
N ILE A 199 7.22 -27.47 -29.84
CA ILE A 199 7.75 -28.38 -28.82
C ILE A 199 8.88 -29.23 -29.41
N GLU A 200 8.72 -29.67 -30.65
CA GLU A 200 9.75 -30.48 -31.29
C GLU A 200 11.03 -29.66 -31.43
N GLN A 201 10.89 -28.42 -31.84
CA GLN A 201 12.03 -27.52 -32.01
C GLN A 201 12.78 -27.35 -30.70
N ARG A 202 12.03 -27.15 -29.62
CA ARG A 202 12.63 -26.92 -28.33
C ARG A 202 13.14 -28.15 -27.56
N ARG A 203 12.81 -29.34 -28.03
CA ARG A 203 13.31 -30.57 -27.39
C ARG A 203 14.73 -30.82 -27.93
N GLN A 204 14.99 -30.30 -29.14
CA GLN A 204 16.29 -30.43 -29.78
C GLN A 204 17.29 -29.38 -29.31
N LYS A 205 16.85 -28.14 -29.20
CA LYS A 205 17.70 -27.04 -28.73
C LYS A 205 17.04 -26.47 -27.48
N PRO A 206 17.16 -27.15 -26.34
CA PRO A 206 16.58 -26.74 -25.06
C PRO A 206 16.88 -25.30 -24.68
N GLY A 207 15.82 -24.52 -24.45
CA GLY A 207 15.98 -23.13 -24.06
C GLY A 207 15.54 -22.86 -22.64
N THR A 208 15.28 -21.60 -22.33
CA THR A 208 14.89 -21.17 -20.99
C THR A 208 13.39 -20.93 -20.83
N ASP A 209 12.67 -20.86 -21.94
CA ASP A 209 11.24 -20.59 -21.91
C ASP A 209 10.41 -21.71 -21.29
N ALA A 210 9.16 -21.40 -20.93
CA ALA A 210 8.28 -22.38 -20.32
C ALA A 210 8.02 -23.61 -21.19
N ILE A 211 7.88 -23.42 -22.50
CA ILE A 211 7.64 -24.56 -23.37
C ILE A 211 8.85 -25.48 -23.41
N SER A 212 10.05 -24.91 -23.42
CA SER A 212 11.27 -25.72 -23.44
C SER A 212 11.43 -26.49 -22.14
N ILE A 213 11.17 -25.82 -21.02
CA ILE A 213 11.29 -26.44 -19.71
C ILE A 213 10.31 -27.62 -19.55
N VAL A 214 9.09 -27.43 -20.04
CA VAL A 214 8.10 -28.50 -19.96
C VAL A 214 8.50 -29.63 -20.91
N ALA A 215 8.80 -29.27 -22.14
CA ALA A 215 9.16 -30.24 -23.17
C ALA A 215 10.37 -31.12 -22.84
N ASN A 216 11.33 -30.57 -22.11
CA ASN A 216 12.53 -31.31 -21.75
C ASN A 216 12.52 -31.70 -20.27
N GLY A 217 11.36 -31.60 -19.65
CA GLY A 217 11.25 -31.91 -18.23
C GLY A 217 11.16 -33.37 -17.86
N GLN A 218 11.10 -33.60 -16.55
CA GLN A 218 11.00 -34.95 -15.99
C GLN A 218 9.77 -35.05 -15.11
N VAL A 219 9.10 -36.20 -15.20
CA VAL A 219 7.91 -36.47 -14.41
C VAL A 219 8.28 -37.53 -13.39
N ASN A 220 8.47 -37.11 -12.13
CA ASN A 220 8.86 -38.00 -11.06
C ASN A 220 10.02 -38.92 -11.45
N GLY A 221 11.06 -38.33 -12.02
CA GLY A 221 12.24 -39.10 -12.40
C GLY A 221 12.38 -39.57 -13.83
N ARG A 222 11.32 -39.49 -14.62
CA ARG A 222 11.42 -39.94 -16.00
C ARG A 222 11.02 -38.86 -17.02
N PRO A 223 11.56 -38.97 -18.25
CA PRO A 223 11.30 -38.03 -19.34
C PRO A 223 9.84 -37.90 -19.75
N ILE A 224 9.43 -36.67 -20.02
CA ILE A 224 8.06 -36.41 -20.45
C ILE A 224 8.02 -36.69 -21.95
N THR A 225 6.89 -37.21 -22.43
CA THR A 225 6.79 -37.49 -23.87
C THR A 225 6.39 -36.20 -24.58
N SER A 226 6.48 -36.21 -25.90
CA SER A 226 6.12 -35.03 -26.67
C SER A 226 4.62 -34.79 -26.56
N ASP A 227 3.87 -35.88 -26.48
CA ASP A 227 2.41 -35.81 -26.37
C ASP A 227 2.01 -35.22 -25.03
N GLU A 228 2.69 -35.67 -23.97
CA GLU A 228 2.40 -35.17 -22.63
C GLU A 228 2.78 -33.70 -22.50
N ALA A 229 3.88 -33.31 -23.14
CA ALA A 229 4.33 -31.92 -23.09
C ALA A 229 3.31 -31.04 -23.80
N LYS A 230 2.80 -31.54 -24.92
CA LYS A 230 1.81 -30.81 -25.71
C LYS A 230 0.56 -30.58 -24.86
N ARG A 231 0.08 -31.65 -24.23
CA ARG A 231 -1.11 -31.58 -23.41
C ARG A 231 -0.96 -30.67 -22.19
N MET A 232 0.26 -30.50 -21.71
CA MET A 232 0.49 -29.63 -20.56
C MET A 232 0.60 -28.18 -21.04
N CYS A 233 1.38 -27.98 -22.10
CA CYS A 233 1.57 -26.66 -22.66
C CYS A 233 0.26 -26.02 -23.11
N GLY A 234 -0.65 -26.84 -23.65
CA GLY A 234 -1.92 -26.33 -24.10
C GLY A 234 -2.70 -25.73 -22.94
N LEU A 235 -2.69 -26.43 -21.81
CA LEU A 235 -3.40 -25.97 -20.63
C LEU A 235 -2.79 -24.65 -20.15
N LEU A 236 -1.47 -24.60 -20.13
CA LEU A 236 -0.79 -23.38 -19.68
C LEU A 236 -1.21 -22.18 -20.53
N LEU A 237 -1.35 -22.40 -21.84
CA LEU A 237 -1.76 -21.32 -22.75
C LEU A 237 -3.15 -20.81 -22.38
N VAL A 238 -4.07 -21.72 -22.11
CA VAL A 238 -5.43 -21.32 -21.75
C VAL A 238 -5.42 -20.56 -20.42
N GLY A 239 -4.60 -21.03 -19.49
CA GLY A 239 -4.51 -20.37 -18.20
C GLY A 239 -3.96 -18.96 -18.33
N GLY A 240 -2.91 -18.82 -19.12
CA GLY A 240 -2.31 -17.50 -19.29
C GLY A 240 -3.11 -16.54 -20.14
N LEU A 241 -3.92 -17.06 -21.04
CA LEU A 241 -4.68 -16.18 -21.93
C LEU A 241 -6.14 -15.92 -21.62
N ASP A 242 -6.75 -16.71 -20.74
CA ASP A 242 -8.17 -16.51 -20.46
C ASP A 242 -8.62 -16.62 -19.01
N THR A 243 -7.79 -16.19 -18.06
CA THR A 243 -8.19 -16.25 -16.66
C THR A 243 -8.07 -14.87 -16.03
N VAL A 244 -6.85 -14.46 -15.71
CA VAL A 244 -6.61 -13.15 -15.13
C VAL A 244 -7.18 -12.08 -16.05
N VAL A 245 -7.03 -12.31 -17.35
CA VAL A 245 -7.53 -11.40 -18.37
C VAL A 245 -8.97 -10.98 -18.09
N ASN A 246 -9.80 -11.95 -17.74
CA ASN A 246 -11.20 -11.68 -17.47
C ASN A 246 -11.44 -11.12 -16.08
N PHE A 247 -10.74 -11.67 -15.10
CA PHE A 247 -10.91 -11.23 -13.73
C PHE A 247 -10.57 -9.76 -13.52
N LEU A 248 -9.54 -9.28 -14.22
CA LEU A 248 -9.14 -7.89 -14.07
C LEU A 248 -10.26 -6.94 -14.47
N SER A 249 -11.01 -7.32 -15.51
CA SER A 249 -12.10 -6.47 -15.97
C SER A 249 -13.24 -6.45 -14.95
N PHE A 250 -13.51 -7.60 -14.32
CA PHE A 250 -14.56 -7.65 -13.32
C PHE A 250 -14.19 -6.74 -12.15
N SER A 251 -12.94 -6.83 -11.72
CA SER A 251 -12.44 -6.04 -10.60
C SER A 251 -12.43 -4.55 -10.87
N MET A 252 -12.05 -4.16 -12.08
CA MET A 252 -12.00 -2.74 -12.42
C MET A 252 -13.39 -2.18 -12.65
N GLU A 253 -14.32 -3.02 -13.08
CA GLU A 253 -15.67 -2.57 -13.31
C GLU A 253 -16.21 -2.17 -11.95
N PHE A 254 -15.99 -3.04 -10.96
CA PHE A 254 -16.43 -2.79 -9.60
C PHE A 254 -15.81 -1.50 -9.05
N LEU A 255 -14.49 -1.38 -9.14
CA LEU A 255 -13.86 -0.17 -8.62
C LEU A 255 -14.37 1.08 -9.33
N ALA A 256 -14.58 1.00 -10.64
CA ALA A 256 -15.08 2.14 -11.40
C ALA A 256 -16.45 2.55 -10.89
N LYS A 257 -17.20 1.58 -10.37
CA LYS A 257 -18.55 1.83 -9.86
C LYS A 257 -18.62 2.12 -8.36
N SER A 258 -17.50 2.00 -7.64
CA SER A 258 -17.54 2.24 -6.20
C SER A 258 -16.43 3.15 -5.67
N PRO A 259 -16.69 4.47 -5.67
CA PRO A 259 -15.72 5.46 -5.18
C PRO A 259 -15.21 5.16 -3.78
N GLU A 260 -16.09 4.72 -2.90
CA GLU A 260 -15.69 4.41 -1.53
C GLU A 260 -14.61 3.33 -1.47
N HIS A 261 -14.70 2.33 -2.36
CA HIS A 261 -13.70 1.27 -2.35
C HIS A 261 -12.38 1.74 -2.95
N ARG A 262 -12.43 2.67 -3.90
CA ARG A 262 -11.20 3.20 -4.45
C ARG A 262 -10.50 3.98 -3.35
N GLN A 263 -11.24 4.85 -2.67
CA GLN A 263 -10.69 5.66 -1.58
C GLN A 263 -9.99 4.80 -0.54
N GLU A 264 -10.61 3.69 -0.18
CA GLU A 264 -10.04 2.80 0.83
C GLU A 264 -8.63 2.31 0.46
N LEU A 265 -8.46 1.86 -0.77
CA LEU A 265 -7.17 1.35 -1.21
C LEU A 265 -6.16 2.46 -1.47
N ILE A 266 -6.65 3.66 -1.73
CA ILE A 266 -5.77 4.81 -1.97
C ILE A 266 -5.23 5.27 -0.62
N GLU A 267 -6.11 5.34 0.38
CA GLU A 267 -5.68 5.76 1.71
C GLU A 267 -4.82 4.71 2.40
N ARG A 268 -5.14 3.44 2.18
CA ARG A 268 -4.38 2.37 2.81
C ARG A 268 -3.96 1.28 1.85
N PRO A 269 -2.93 1.57 1.04
CA PRO A 269 -2.42 0.61 0.05
C PRO A 269 -2.02 -0.75 0.62
N GLU A 270 -1.67 -0.80 1.90
CA GLU A 270 -1.29 -2.07 2.50
C GLU A 270 -2.46 -3.07 2.52
N ARG A 271 -3.67 -2.58 2.24
CA ARG A 271 -4.86 -3.42 2.22
C ARG A 271 -5.11 -4.05 0.86
N ILE A 272 -4.34 -3.65 -0.14
CA ILE A 272 -4.56 -4.20 -1.48
C ILE A 272 -4.55 -5.72 -1.55
N PRO A 273 -3.59 -6.38 -0.89
CA PRO A 273 -3.56 -7.86 -0.94
C PRO A 273 -4.86 -8.45 -0.41
N ALA A 274 -5.36 -7.89 0.69
CA ALA A 274 -6.61 -8.34 1.28
C ALA A 274 -7.78 -8.03 0.33
N ALA A 275 -7.74 -6.87 -0.30
CA ALA A 275 -8.80 -6.46 -1.23
C ALA A 275 -8.84 -7.42 -2.40
N CYS A 276 -7.66 -7.82 -2.87
CA CYS A 276 -7.53 -8.76 -3.98
C CYS A 276 -8.30 -10.04 -3.67
N GLU A 277 -8.07 -10.59 -2.48
CA GLU A 277 -8.71 -11.81 -2.04
C GLU A 277 -10.23 -11.69 -2.01
N GLU A 278 -10.73 -10.57 -1.49
CA GLU A 278 -12.17 -10.34 -1.41
C GLU A 278 -12.77 -10.19 -2.80
N LEU A 279 -12.03 -9.57 -3.70
CA LEU A 279 -12.50 -9.40 -5.08
C LEU A 279 -12.50 -10.75 -5.78
N LEU A 280 -11.56 -11.61 -5.40
CA LEU A 280 -11.48 -12.94 -5.99
C LEU A 280 -12.70 -13.76 -5.59
N ARG A 281 -13.24 -13.47 -4.42
CA ARG A 281 -14.42 -14.16 -3.90
C ARG A 281 -15.68 -13.62 -4.59
N ARG A 282 -15.89 -12.32 -4.48
CA ARG A 282 -17.05 -11.67 -5.06
C ARG A 282 -17.15 -11.77 -6.58
N PHE A 283 -16.00 -11.79 -7.25
CA PHE A 283 -16.01 -11.86 -8.69
C PHE A 283 -15.39 -13.12 -9.24
N SER A 284 -15.57 -14.22 -8.50
CA SER A 284 -15.09 -15.53 -8.90
C SER A 284 -15.70 -15.76 -10.28
N LEU A 285 -14.99 -16.45 -11.17
CA LEU A 285 -15.49 -16.61 -12.53
C LEU A 285 -15.33 -17.95 -13.20
N VAL A 286 -14.91 -18.97 -12.46
CA VAL A 286 -14.70 -20.28 -13.07
C VAL A 286 -15.75 -21.31 -12.68
N ALA A 287 -16.09 -22.18 -13.62
CA ALA A 287 -17.06 -23.24 -13.35
C ALA A 287 -16.89 -24.43 -14.28
N ASP A 288 -16.19 -25.45 -13.82
CA ASP A 288 -16.03 -26.68 -14.59
C ASP A 288 -16.53 -27.78 -13.67
N GLY A 289 -16.24 -29.04 -13.97
CA GLY A 289 -16.75 -30.10 -13.12
C GLY A 289 -16.06 -31.45 -13.14
N ARG A 290 -16.83 -32.49 -12.83
CA ARG A 290 -16.31 -33.84 -12.78
C ARG A 290 -17.33 -34.83 -13.35
N ILE A 291 -16.94 -36.10 -13.41
CA ILE A 291 -17.83 -37.13 -13.93
C ILE A 291 -17.88 -38.30 -12.95
N LEU A 292 -19.07 -38.87 -12.76
CA LEU A 292 -19.26 -39.99 -11.84
C LEU A 292 -18.60 -41.27 -12.35
N THR A 293 -17.72 -41.84 -11.54
CA THR A 293 -17.02 -43.06 -11.90
C THR A 293 -17.91 -44.28 -11.72
N SER A 294 -19.08 -44.06 -11.11
CA SER A 294 -20.04 -45.14 -10.87
C SER A 294 -21.27 -44.63 -10.13
N ASP A 295 -22.23 -45.52 -9.91
CA ASP A 295 -23.45 -45.17 -9.20
C ASP A 295 -23.05 -44.70 -7.81
N TYR A 296 -23.62 -43.58 -7.39
CA TYR A 296 -23.28 -43.03 -6.08
C TYR A 296 -24.40 -42.16 -5.52
N GLU A 297 -24.72 -42.39 -4.25
CA GLU A 297 -25.76 -41.62 -3.57
C GLU A 297 -25.11 -40.43 -2.89
N PHE A 298 -25.20 -39.27 -3.54
CA PHE A 298 -24.61 -38.04 -3.02
C PHE A 298 -25.69 -37.10 -2.53
N HIS A 299 -25.76 -36.91 -1.22
CA HIS A 299 -26.75 -36.02 -0.61
C HIS A 299 -28.19 -36.36 -0.94
N GLY A 300 -28.55 -37.63 -0.78
CA GLY A 300 -29.90 -38.08 -1.03
C GLY A 300 -30.34 -38.05 -2.48
N VAL A 301 -29.40 -37.81 -3.39
CA VAL A 301 -29.70 -37.77 -4.82
C VAL A 301 -28.90 -38.83 -5.56
N GLN A 302 -29.59 -39.88 -6.03
CA GLN A 302 -28.92 -40.97 -6.74
C GLN A 302 -28.22 -40.51 -8.01
N LEU A 303 -26.90 -40.63 -8.02
CA LEU A 303 -26.11 -40.24 -9.18
C LEU A 303 -25.67 -41.50 -9.92
N LYS A 304 -25.94 -41.54 -11.22
CA LYS A 304 -25.58 -42.69 -12.04
C LYS A 304 -24.19 -42.50 -12.63
N LYS A 305 -23.60 -43.60 -13.07
CA LYS A 305 -22.26 -43.57 -13.65
C LYS A 305 -22.31 -42.86 -15.00
N GLY A 306 -21.24 -42.14 -15.32
CA GLY A 306 -21.19 -41.43 -16.59
C GLY A 306 -21.82 -40.05 -16.53
N ASP A 307 -22.64 -39.80 -15.50
CA ASP A 307 -23.28 -38.50 -15.37
C ASP A 307 -22.28 -37.40 -15.10
N GLN A 308 -22.50 -36.25 -15.73
CA GLN A 308 -21.63 -35.09 -15.56
C GLN A 308 -22.21 -34.18 -14.49
N ILE A 309 -21.36 -33.63 -13.65
CA ILE A 309 -21.82 -32.74 -12.60
C ILE A 309 -20.97 -31.48 -12.55
N LEU A 310 -21.61 -30.34 -12.79
CA LEU A 310 -20.94 -29.05 -12.77
C LEU A 310 -20.77 -28.62 -11.32
N LEU A 311 -19.54 -28.32 -10.94
CA LEU A 311 -19.22 -27.89 -9.58
C LEU A 311 -18.63 -26.49 -9.72
N PRO A 312 -19.50 -25.46 -9.85
CA PRO A 312 -19.09 -24.07 -10.01
C PRO A 312 -18.20 -23.51 -8.90
N GLN A 313 -16.91 -23.38 -9.19
CA GLN A 313 -15.98 -22.82 -8.22
C GLN A 313 -16.49 -21.44 -7.81
N MET A 314 -17.13 -20.76 -8.76
CA MET A 314 -17.67 -19.42 -8.56
C MET A 314 -18.69 -19.33 -7.42
N LEU A 315 -19.58 -20.32 -7.35
CA LEU A 315 -20.65 -20.32 -6.34
C LEU A 315 -20.27 -20.47 -4.86
N SER A 316 -19.20 -21.19 -4.57
CA SER A 316 -18.78 -21.40 -3.19
C SER A 316 -18.70 -20.11 -2.38
N GLY A 317 -17.83 -19.20 -2.81
CA GLY A 317 -17.66 -17.95 -2.09
C GLY A 317 -18.87 -17.03 -2.12
N LEU A 318 -19.83 -17.33 -2.99
CA LEU A 318 -21.03 -16.50 -3.10
C LEU A 318 -22.16 -17.09 -2.24
N ASP A 319 -21.87 -18.21 -1.60
CA ASP A 319 -22.83 -18.91 -0.74
C ASP A 319 -23.06 -18.12 0.55
N GLU A 320 -24.28 -17.64 0.73
CA GLU A 320 -24.64 -16.87 1.93
C GLU A 320 -24.34 -17.69 3.18
N ARG A 321 -24.20 -19.00 3.02
CA ARG A 321 -23.90 -19.89 4.13
C ARG A 321 -22.41 -19.88 4.44
N GLU A 322 -21.60 -19.56 3.44
CA GLU A 322 -20.15 -19.48 3.62
C GLU A 322 -19.73 -18.07 4.02
N ASN A 323 -20.39 -17.08 3.44
CA ASN A 323 -20.09 -15.68 3.75
C ASN A 323 -21.35 -14.84 3.91
N ALA A 324 -21.46 -14.15 5.04
CA ALA A 324 -22.63 -13.30 5.30
C ALA A 324 -22.64 -12.14 4.31
N CYS A 325 -23.81 -11.81 3.79
CA CYS A 325 -23.96 -10.72 2.82
C CYS A 325 -22.94 -10.93 1.71
N PRO A 326 -23.01 -12.10 1.03
CA PRO A 326 -22.12 -12.50 -0.07
C PRO A 326 -21.93 -11.53 -1.23
N MET A 327 -23.00 -10.85 -1.65
CA MET A 327 -22.88 -9.94 -2.77
C MET A 327 -22.26 -8.60 -2.40
N HIS A 328 -21.93 -8.43 -1.13
CA HIS A 328 -21.31 -7.19 -0.67
C HIS A 328 -19.79 -7.32 -0.61
N VAL A 329 -19.10 -6.31 -1.14
CA VAL A 329 -17.64 -6.29 -1.13
C VAL A 329 -17.11 -5.60 0.13
N ASP A 330 -16.47 -6.38 0.99
CA ASP A 330 -15.92 -5.86 2.25
C ASP A 330 -14.44 -6.21 2.34
N PHE A 331 -13.57 -5.22 2.16
CA PHE A 331 -12.14 -5.47 2.23
C PHE A 331 -11.63 -5.85 3.62
N SER A 332 -12.48 -5.69 4.62
CA SER A 332 -12.12 -6.05 5.99
C SER A 332 -12.80 -7.34 6.43
N ARG A 333 -13.43 -8.02 5.48
CA ARG A 333 -14.12 -9.28 5.78
C ARG A 333 -13.16 -10.19 6.53
N GLN A 334 -13.57 -10.63 7.72
CA GLN A 334 -12.75 -11.49 8.57
C GLN A 334 -12.34 -12.83 7.93
N LYS A 335 -13.33 -13.56 7.41
CA LYS A 335 -13.06 -14.85 6.78
C LYS A 335 -13.56 -14.90 5.36
N VAL A 336 -12.67 -14.59 4.42
CA VAL A 336 -13.03 -14.60 3.00
C VAL A 336 -13.00 -16.03 2.48
N SER A 337 -14.13 -16.72 2.61
CA SER A 337 -14.24 -18.11 2.17
C SER A 337 -14.58 -18.21 0.69
N HIS A 338 -13.85 -19.05 -0.05
CA HIS A 338 -14.09 -19.23 -1.48
C HIS A 338 -13.26 -20.37 -2.05
N THR A 339 -13.62 -20.79 -3.26
CA THR A 339 -12.90 -21.85 -3.99
C THR A 339 -12.67 -21.30 -5.39
N THR A 340 -12.33 -20.01 -5.46
CA THR A 340 -12.08 -19.36 -6.73
C THR A 340 -10.97 -20.01 -7.54
N PHE A 341 -9.93 -20.47 -6.85
CA PHE A 341 -8.80 -21.12 -7.51
C PHE A 341 -8.93 -22.63 -7.45
N GLY A 342 -10.15 -23.12 -7.25
CA GLY A 342 -10.38 -24.56 -7.19
C GLY A 342 -10.36 -25.11 -5.78
N HIS A 343 -10.41 -26.45 -5.69
CA HIS A 343 -10.40 -27.14 -4.41
C HIS A 343 -9.93 -28.57 -4.67
N GLY A 344 -9.20 -29.15 -3.71
CA GLY A 344 -8.73 -30.51 -3.90
C GLY A 344 -7.34 -30.56 -4.51
N SER A 345 -6.97 -31.73 -5.03
CA SER A 345 -5.65 -31.92 -5.61
C SER A 345 -5.39 -31.13 -6.89
N HIS A 346 -6.43 -30.52 -7.45
CA HIS A 346 -6.27 -29.75 -8.68
C HIS A 346 -6.18 -28.24 -8.43
N LEU A 347 -5.92 -27.85 -7.18
CA LEU A 347 -5.81 -26.44 -6.84
C LEU A 347 -4.94 -25.73 -7.88
N CYS A 348 -5.41 -24.56 -8.30
CA CYS A 348 -4.72 -23.74 -9.30
C CYS A 348 -3.22 -23.60 -9.09
N LEU A 349 -2.47 -23.86 -10.15
CA LEU A 349 -1.01 -23.75 -10.10
C LEU A 349 -0.55 -22.34 -10.46
N GLY A 350 -1.43 -21.56 -11.07
CA GLY A 350 -1.05 -20.23 -11.47
C GLY A 350 -1.59 -19.12 -10.58
N GLN A 351 -2.08 -19.49 -9.40
CA GLN A 351 -2.64 -18.49 -8.50
C GLN A 351 -1.64 -17.47 -7.98
N HIS A 352 -0.37 -17.85 -7.87
CA HIS A 352 0.65 -16.93 -7.40
C HIS A 352 0.93 -15.88 -8.47
N LEU A 353 0.98 -16.32 -9.74
CA LEU A 353 1.20 -15.39 -10.84
C LEU A 353 -0.07 -14.53 -10.94
N ALA A 354 -1.22 -15.16 -10.77
CA ALA A 354 -2.49 -14.42 -10.85
C ALA A 354 -2.56 -13.31 -9.81
N ARG A 355 -2.34 -13.65 -8.54
CA ARG A 355 -2.40 -12.66 -7.48
C ARG A 355 -1.40 -11.53 -7.69
N ARG A 356 -0.19 -11.86 -8.14
CA ARG A 356 0.80 -10.81 -8.38
C ARG A 356 0.31 -9.86 -9.47
N GLU A 357 -0.26 -10.41 -10.54
CA GLU A 357 -0.74 -9.56 -11.62
C GLU A 357 -1.91 -8.69 -11.14
N ILE A 358 -2.74 -9.26 -10.28
CA ILE A 358 -3.88 -8.52 -9.77
C ILE A 358 -3.42 -7.39 -8.84
N ILE A 359 -2.60 -7.76 -7.86
CA ILE A 359 -2.10 -6.79 -6.89
C ILE A 359 -1.30 -5.65 -7.55
N VAL A 360 -0.45 -6.00 -8.50
CA VAL A 360 0.32 -4.99 -9.20
C VAL A 360 -0.60 -4.06 -9.98
N THR A 361 -1.61 -4.62 -10.64
CA THR A 361 -2.53 -3.79 -11.40
C THR A 361 -3.25 -2.79 -10.49
N LEU A 362 -3.76 -3.28 -9.38
CA LEU A 362 -4.48 -2.42 -8.44
C LEU A 362 -3.58 -1.32 -7.91
N LYS A 363 -2.41 -1.69 -7.41
CA LYS A 363 -1.49 -0.71 -6.86
C LYS A 363 -1.01 0.32 -7.88
N GLU A 364 -0.60 -0.14 -9.06
CA GLU A 364 -0.10 0.80 -10.06
C GLU A 364 -1.19 1.61 -10.75
N TRP A 365 -2.39 1.05 -10.85
CA TRP A 365 -3.44 1.83 -11.49
C TRP A 365 -3.90 2.95 -10.55
N LEU A 366 -4.21 2.61 -9.31
CA LEU A 366 -4.68 3.59 -8.34
C LEU A 366 -3.65 4.67 -8.05
N THR A 367 -2.38 4.35 -8.27
CA THR A 367 -1.29 5.28 -8.04
C THR A 367 -1.31 6.41 -9.08
N ARG A 368 -1.65 6.06 -10.32
CA ARG A 368 -1.67 7.01 -11.42
C ARG A 368 -3.04 7.53 -11.82
N ILE A 369 -4.06 6.68 -11.71
CA ILE A 369 -5.41 7.04 -12.07
C ILE A 369 -6.30 6.66 -10.87
N PRO A 370 -6.20 7.43 -9.78
CA PRO A 370 -6.99 7.15 -8.58
C PRO A 370 -8.49 7.28 -8.77
N ASP A 371 -8.90 8.17 -9.68
CA ASP A 371 -10.33 8.38 -9.92
C ASP A 371 -10.72 8.04 -11.35
N PHE A 372 -11.73 7.18 -11.50
CA PHE A 372 -12.23 6.79 -12.80
C PHE A 372 -13.66 6.28 -12.66
N SER A 373 -14.39 6.28 -13.77
CA SER A 373 -15.78 5.84 -13.75
C SER A 373 -16.13 5.13 -15.05
N ILE A 374 -17.33 4.56 -15.10
CA ILE A 374 -17.80 3.89 -16.30
C ILE A 374 -18.15 5.01 -17.28
N ALA A 375 -17.83 4.82 -18.55
CA ALA A 375 -18.15 5.83 -19.55
C ALA A 375 -19.65 6.11 -19.46
N PRO A 376 -20.04 7.38 -19.41
CA PRO A 376 -21.45 7.76 -19.31
C PRO A 376 -22.35 7.05 -20.31
N GLY A 377 -23.46 6.52 -19.81
CA GLY A 377 -24.42 5.84 -20.66
C GLY A 377 -24.04 4.42 -21.01
N ALA A 378 -22.89 3.95 -20.55
CA ALA A 378 -22.46 2.59 -20.86
C ALA A 378 -23.16 1.56 -19.97
N GLN A 379 -23.53 0.46 -20.59
CA GLN A 379 -24.17 -0.65 -19.90
C GLN A 379 -23.21 -1.81 -20.05
N ILE A 380 -22.52 -2.18 -18.97
CA ILE A 380 -21.56 -3.27 -19.05
C ILE A 380 -22.20 -4.64 -19.23
N GLN A 381 -21.79 -5.35 -20.28
CA GLN A 381 -22.33 -6.68 -20.57
C GLN A 381 -21.31 -7.78 -20.31
N HIS A 382 -21.74 -8.82 -19.60
CA HIS A 382 -20.88 -9.95 -19.28
C HIS A 382 -21.15 -11.12 -20.21
N LYS A 383 -20.40 -12.20 -20.01
CA LYS A 383 -20.55 -13.41 -20.80
C LYS A 383 -20.27 -14.57 -19.86
N SER A 384 -21.03 -15.66 -20.03
CA SER A 384 -20.87 -16.82 -19.16
C SER A 384 -20.30 -18.01 -19.91
N GLY A 385 -19.67 -18.92 -19.16
CA GLY A 385 -19.09 -20.11 -19.74
C GLY A 385 -18.19 -20.81 -18.73
N ILE A 386 -17.23 -21.59 -19.21
CA ILE A 386 -16.32 -22.28 -18.30
C ILE A 386 -15.61 -21.20 -17.48
N VAL A 387 -15.32 -20.08 -18.13
CA VAL A 387 -14.70 -18.91 -17.51
C VAL A 387 -15.53 -17.73 -17.98
N SER A 388 -16.11 -16.99 -17.04
CA SER A 388 -16.93 -15.85 -17.39
C SER A 388 -16.08 -14.63 -17.69
N GLY A 389 -16.64 -13.67 -18.43
CA GLY A 389 -15.89 -12.48 -18.77
C GLY A 389 -16.73 -11.25 -18.99
N VAL A 390 -16.05 -10.17 -19.35
CA VAL A 390 -16.68 -8.87 -19.60
C VAL A 390 -16.47 -8.53 -21.07
N GLN A 391 -17.57 -8.29 -21.79
CA GLN A 391 -17.51 -7.98 -23.21
C GLN A 391 -16.72 -6.73 -23.54
N ALA A 392 -16.94 -5.66 -22.77
CA ALA A 392 -16.25 -4.40 -22.98
C ALA A 392 -16.38 -3.56 -21.73
N LEU A 393 -15.35 -2.78 -21.42
CA LEU A 393 -15.36 -1.95 -20.24
C LEU A 393 -14.79 -0.55 -20.52
N PRO A 394 -15.61 0.34 -21.11
CA PRO A 394 -15.16 1.70 -21.40
C PRO A 394 -15.08 2.51 -20.11
N LEU A 395 -13.89 3.02 -19.82
CA LEU A 395 -13.65 3.82 -18.62
C LEU A 395 -13.30 5.26 -18.97
N VAL A 396 -13.65 6.18 -18.06
CA VAL A 396 -13.32 7.58 -18.27
C VAL A 396 -12.83 8.20 -16.98
N TRP A 397 -12.07 9.29 -17.12
CA TRP A 397 -11.54 9.99 -15.97
C TRP A 397 -11.00 11.34 -16.39
N ASP A 398 -10.84 12.23 -15.43
CA ASP A 398 -10.30 13.57 -15.68
C ASP A 398 -8.78 13.51 -15.58
N PRO A 399 -8.07 13.74 -16.69
CA PRO A 399 -6.61 13.70 -16.69
C PRO A 399 -5.98 14.60 -15.61
N ALA A 400 -6.68 15.67 -15.27
CA ALA A 400 -6.19 16.61 -14.26
C ALA A 400 -6.12 15.98 -12.87
N THR A 401 -6.80 14.86 -12.66
CA THR A 401 -6.81 14.18 -11.37
C THR A 401 -5.76 13.06 -11.29
N THR A 402 -5.03 12.86 -12.38
CA THR A 402 -4.02 11.81 -12.44
C THR A 402 -2.63 12.31 -12.08
N LYS A 403 -1.68 11.38 -12.02
CA LYS A 403 -0.30 11.75 -11.70
C LYS A 403 0.69 10.75 -12.26
N ALA A 404 1.70 11.26 -12.96
CA ALA A 404 2.75 10.45 -13.55
C ALA A 404 3.81 10.17 -12.51
N VAL A 405 4.20 8.90 -12.37
CA VAL A 405 5.23 8.52 -11.40
C VAL A 405 6.64 8.89 -11.87
N ASN B 1 24.75 34.36 -3.42
CA ASN B 1 23.55 34.24 -2.59
C ASN B 1 23.83 34.63 -1.14
N LEU B 2 24.88 35.42 -0.97
CA LEU B 2 25.28 35.90 0.35
C LEU B 2 24.84 37.36 0.48
N ALA B 3 24.02 37.65 1.48
CA ALA B 3 23.56 39.00 1.69
C ALA B 3 24.72 39.85 2.20
N PRO B 4 24.83 41.09 1.74
CA PRO B 4 25.91 41.99 2.17
C PRO B 4 25.96 42.06 3.70
N LEU B 5 27.15 41.92 4.26
CA LEU B 5 27.32 41.96 5.71
C LEU B 5 26.88 43.31 6.28
N PRO B 6 25.95 43.30 7.24
CA PRO B 6 25.49 44.56 7.84
C PRO B 6 26.66 45.26 8.52
N PRO B 7 26.61 46.60 8.60
CA PRO B 7 27.70 47.35 9.24
C PRO B 7 28.01 46.90 10.68
N HIS B 8 26.97 46.62 11.46
CA HIS B 8 27.17 46.25 12.85
C HIS B 8 27.71 44.86 13.16
N VAL B 9 27.73 43.98 12.16
CA VAL B 9 28.20 42.61 12.37
C VAL B 9 29.71 42.46 12.15
N PRO B 10 30.43 42.01 13.19
CA PRO B 10 31.89 41.84 13.10
C PRO B 10 32.28 40.88 11.97
N GLU B 11 33.28 41.27 11.18
CA GLU B 11 33.74 40.43 10.07
C GLU B 11 34.27 39.07 10.54
N HIS B 12 34.90 39.04 11.70
CA HIS B 12 35.46 37.79 12.20
C HIS B 12 34.43 36.77 12.69
N LEU B 13 33.18 37.18 12.80
CA LEU B 13 32.14 36.26 13.26
C LEU B 13 31.32 35.67 12.12
N VAL B 14 31.71 35.97 10.89
CA VAL B 14 31.00 35.44 9.73
C VAL B 14 31.36 33.98 9.46
N PHE B 15 30.33 33.16 9.38
CA PHE B 15 30.45 31.73 9.08
C PHE B 15 29.21 31.50 8.22
N ASP B 16 29.42 31.38 6.92
CA ASP B 16 28.30 31.23 6.00
C ASP B 16 27.63 29.86 5.94
N PHE B 17 26.94 29.53 7.02
CA PHE B 17 26.21 28.28 7.14
C PHE B 17 24.84 28.45 6.46
N ASP B 18 24.45 27.46 5.65
CA ASP B 18 23.16 27.49 4.95
C ASP B 18 22.26 26.43 5.57
N MET B 19 21.32 26.85 6.41
CA MET B 19 20.43 25.89 7.08
C MET B 19 19.54 25.05 6.17
N TYR B 20 19.40 25.44 4.91
CA TYR B 20 18.55 24.68 3.98
C TYR B 20 19.37 23.81 3.04
N ASN B 21 20.69 23.97 3.07
CA ASN B 21 21.59 23.19 2.24
C ASN B 21 23.00 23.25 2.82
N PRO B 22 23.18 22.70 4.03
CA PRO B 22 24.50 22.71 4.68
C PRO B 22 25.55 21.96 3.86
N SER B 23 26.75 22.52 3.77
CA SER B 23 27.83 21.91 3.00
C SER B 23 28.19 20.46 3.34
N ASN B 24 28.17 20.10 4.62
CA ASN B 24 28.54 18.74 5.00
C ASN B 24 27.36 17.78 5.07
N LEU B 25 26.28 18.08 4.35
CA LEU B 25 25.07 17.27 4.35
C LEU B 25 25.25 15.77 4.07
N SER B 26 26.14 15.44 3.14
CA SER B 26 26.40 14.04 2.78
C SER B 26 26.87 13.17 3.94
N ALA B 27 27.38 13.79 5.00
CA ALA B 27 27.87 13.03 6.15
C ALA B 27 26.75 12.80 7.15
N GLY B 28 25.58 13.35 6.85
CA GLY B 28 24.45 13.21 7.76
C GLY B 28 24.05 14.62 8.16
N VAL B 29 22.76 14.88 8.29
CA VAL B 29 22.35 16.24 8.64
C VAL B 29 22.83 16.71 10.02
N GLN B 30 22.76 15.83 11.02
CA GLN B 30 23.22 16.23 12.35
C GLN B 30 24.71 16.54 12.29
N GLU B 31 25.47 15.71 11.57
CA GLU B 31 26.90 15.95 11.41
C GLU B 31 27.14 17.25 10.66
N ALA B 32 26.26 17.57 9.71
CA ALA B 32 26.40 18.80 8.93
C ALA B 32 26.25 20.03 9.83
N TRP B 33 25.26 20.00 10.73
CA TRP B 33 25.05 21.11 11.63
C TRP B 33 26.16 21.17 12.68
N ALA B 34 26.69 20.01 13.04
CA ALA B 34 27.76 19.92 14.04
C ALA B 34 29.05 20.62 13.61
N VAL B 35 29.16 21.03 12.34
CA VAL B 35 30.35 21.75 11.89
C VAL B 35 30.42 23.09 12.63
N LEU B 36 29.27 23.57 13.08
CA LEU B 36 29.18 24.84 13.80
C LEU B 36 29.79 24.71 15.19
N GLN B 37 30.16 23.50 15.57
CA GLN B 37 30.73 23.25 16.87
C GLN B 37 32.19 22.78 16.84
N GLU B 38 32.85 22.95 15.69
CA GLU B 38 34.25 22.56 15.58
C GLU B 38 35.09 23.55 16.39
N SER B 39 36.32 23.16 16.72
CA SER B 39 37.22 23.94 17.55
C SER B 39 37.38 25.47 17.38
N ASN B 40 37.44 25.97 16.15
CA ASN B 40 37.64 27.39 15.98
C ASN B 40 36.40 28.20 15.63
N VAL B 41 35.23 27.67 15.98
CA VAL B 41 33.97 28.36 15.72
C VAL B 41 33.48 28.97 17.03
N PRO B 42 33.18 30.27 17.04
CA PRO B 42 32.72 30.90 18.28
C PRO B 42 31.30 30.48 18.68
N ASP B 43 30.88 30.89 19.87
CA ASP B 43 29.56 30.55 20.39
C ASP B 43 28.42 31.19 19.61
N LEU B 44 28.71 32.33 18.97
CA LEU B 44 27.71 33.06 18.21
C LEU B 44 28.32 33.53 16.90
N VAL B 45 27.73 33.11 15.78
CA VAL B 45 28.26 33.52 14.48
C VAL B 45 27.16 34.16 13.65
N TRP B 46 27.56 34.78 12.54
CA TRP B 46 26.60 35.38 11.63
C TRP B 46 26.79 34.75 10.27
N THR B 47 25.70 34.30 9.65
CA THR B 47 25.78 33.73 8.31
C THR B 47 25.15 34.70 7.34
N ARG B 48 25.74 34.82 6.15
CA ARG B 48 25.20 35.71 5.13
C ARG B 48 24.16 34.98 4.27
N CYS B 49 24.01 33.69 4.50
CA CYS B 49 23.04 32.89 3.75
C CYS B 49 21.61 33.21 4.20
N ASN B 50 20.67 32.89 3.33
CA ASN B 50 19.25 33.06 3.63
C ASN B 50 18.86 34.43 4.17
N GLY B 51 19.46 35.47 3.60
CA GLY B 51 19.14 36.82 4.02
C GLY B 51 20.01 37.41 5.11
N GLY B 52 20.76 36.57 5.81
CA GLY B 52 21.65 37.04 6.87
C GLY B 52 21.01 36.90 8.26
N HIS B 53 21.69 36.20 9.16
CA HIS B 53 21.16 36.01 10.50
C HIS B 53 22.20 35.43 11.45
N TRP B 54 21.99 35.62 12.75
CA TRP B 54 22.88 35.06 13.74
C TRP B 54 22.54 33.59 13.94
N ILE B 55 23.48 32.84 14.51
CA ILE B 55 23.25 31.44 14.84
C ILE B 55 24.00 31.18 16.14
N ALA B 56 23.27 30.74 17.17
CA ALA B 56 23.90 30.40 18.44
C ALA B 56 24.30 28.96 18.20
N THR B 57 25.56 28.65 18.50
CA THR B 57 26.07 27.31 18.23
C THR B 57 26.23 26.37 19.41
N ARG B 58 26.00 26.89 20.62
CA ARG B 58 26.17 26.08 21.82
C ARG B 58 24.94 26.09 22.71
N GLY B 59 24.70 24.95 23.36
CA GLY B 59 23.54 24.81 24.22
C GLY B 59 23.35 25.90 25.25
N GLN B 60 24.45 26.37 25.85
CA GLN B 60 24.36 27.42 26.85
C GLN B 60 23.62 28.65 26.32
N LEU B 61 24.04 29.13 25.15
CA LEU B 61 23.41 30.31 24.55
C LEU B 61 22.01 30.01 24.02
N ILE B 62 21.83 28.83 23.43
CA ILE B 62 20.53 28.46 22.89
C ILE B 62 19.51 28.45 24.02
N ARG B 63 19.86 27.84 25.14
CA ARG B 63 18.97 27.79 26.29
C ARG B 63 18.70 29.19 26.85
N GLU B 64 19.75 29.98 27.03
CA GLU B 64 19.62 31.35 27.56
C GLU B 64 18.66 32.19 26.73
N ALA B 65 18.84 32.17 25.42
CA ALA B 65 18.00 32.94 24.51
C ALA B 65 16.54 32.48 24.51
N TYR B 66 16.30 31.17 24.60
CA TYR B 66 14.92 30.68 24.60
C TYR B 66 14.22 31.04 25.91
N GLU B 67 15.00 31.32 26.94
CA GLU B 67 14.44 31.70 28.24
C GLU B 67 14.13 33.20 28.28
N ASP B 68 14.91 33.99 27.56
CA ASP B 68 14.75 35.43 27.54
C ASP B 68 13.85 35.91 26.40
N TYR B 69 12.54 35.77 26.58
CA TYR B 69 11.58 36.17 25.57
C TYR B 69 11.41 37.68 25.43
N ARG B 70 11.90 38.44 26.40
CA ARG B 70 11.78 39.90 26.29
C ARG B 70 12.73 40.46 25.25
N HIS B 71 13.86 39.80 25.04
CA HIS B 71 14.83 40.23 24.03
C HIS B 71 14.73 39.39 22.76
N PHE B 72 14.41 38.12 22.94
CA PHE B 72 14.31 37.19 21.82
C PHE B 72 12.86 36.75 21.61
N SER B 73 12.18 37.51 20.76
CA SER B 73 10.77 37.28 20.46
C SER B 73 10.43 36.20 19.46
N SER B 74 9.31 35.51 19.71
CA SER B 74 8.81 34.45 18.83
C SER B 74 7.94 35.02 17.69
N GLU B 75 7.76 36.34 17.65
CA GLU B 75 6.91 36.93 16.61
C GLU B 75 7.37 36.61 15.18
N CYS B 76 8.68 36.51 14.98
CA CYS B 76 9.26 36.20 13.66
C CYS B 76 10.24 35.08 14.00
N PRO B 77 9.73 33.84 14.06
CA PRO B 77 10.54 32.66 14.40
C PRO B 77 11.23 31.83 13.33
N PHE B 78 10.93 32.13 12.07
CA PHE B 78 11.51 31.39 10.96
C PHE B 78 12.47 32.22 10.12
N ILE B 79 13.43 31.54 9.52
CA ILE B 79 14.40 32.11 8.60
C ILE B 79 13.94 31.42 7.31
N PRO B 80 13.89 32.14 6.16
CA PRO B 80 14.23 33.55 5.95
C PRO B 80 13.20 34.52 6.55
N ARG B 81 13.55 35.80 6.56
CA ARG B 81 12.67 36.81 7.14
C ARG B 81 11.24 36.80 6.59
N GLU B 82 11.07 36.64 5.28
CA GLU B 82 9.73 36.62 4.70
C GLU B 82 8.88 35.51 5.30
N ALA B 83 9.52 34.38 5.59
CA ALA B 83 8.81 33.26 6.18
C ALA B 83 8.43 33.60 7.62
N GLY B 84 9.39 34.15 8.37
CA GLY B 84 9.13 34.51 9.74
C GLY B 84 8.07 35.59 9.89
N GLU B 85 8.03 36.53 8.95
CA GLU B 85 7.04 37.59 9.02
C GLU B 85 5.65 37.03 8.72
N ALA B 86 5.57 36.13 7.74
CA ALA B 86 4.28 35.52 7.41
C ALA B 86 3.81 34.54 8.48
N TYR B 87 4.77 33.98 9.23
CA TYR B 87 4.44 33.00 10.27
C TYR B 87 3.56 33.61 11.35
N ASP B 88 2.33 33.11 11.49
CA ASP B 88 1.41 33.62 12.51
C ASP B 88 0.68 32.51 13.27
N PHE B 89 1.26 31.31 13.24
CA PHE B 89 0.65 30.18 13.96
C PHE B 89 0.58 30.51 15.45
N ILE B 90 -0.44 29.95 16.09
CA ILE B 90 -0.68 30.12 17.52
C ILE B 90 -0.50 28.77 18.21
N PRO B 91 0.17 28.74 19.37
CA PRO B 91 0.73 29.92 20.05
C PRO B 91 2.19 30.27 19.79
N THR B 92 2.84 29.57 18.86
CA THR B 92 4.26 29.81 18.61
C THR B 92 4.67 31.23 18.21
N SER B 93 3.83 31.94 17.46
CA SER B 93 4.19 33.31 17.06
C SER B 93 3.95 34.35 18.16
N MET B 94 3.50 33.89 19.32
CA MET B 94 3.22 34.79 20.44
C MET B 94 4.19 34.60 21.59
N ASP B 95 4.46 35.69 22.32
CA ASP B 95 5.35 35.64 23.48
C ASP B 95 4.49 35.77 24.74
N PRO B 96 5.01 35.31 25.88
CA PRO B 96 4.21 35.47 27.10
C PRO B 96 4.16 36.99 27.27
N PRO B 97 3.16 37.52 27.98
CA PRO B 97 2.09 36.77 28.64
C PRO B 97 0.97 36.32 27.70
N GLU B 98 0.81 37.02 26.58
CA GLU B 98 -0.25 36.74 25.62
C GLU B 98 -0.36 35.29 25.14
N GLN B 99 0.78 34.62 25.03
CA GLN B 99 0.85 33.24 24.55
C GLN B 99 0.16 32.18 25.40
N ARG B 100 0.25 32.34 26.70
CA ARG B 100 -0.26 31.37 27.67
C ARG B 100 -1.68 30.83 27.51
N GLN B 101 -2.65 31.72 27.40
CA GLN B 101 -4.05 31.30 27.28
C GLN B 101 -4.30 30.37 26.10
N PHE B 102 -3.60 30.60 24.99
CA PHE B 102 -3.76 29.76 23.81
C PHE B 102 -3.04 28.44 23.99
N ARG B 103 -1.88 28.49 24.63
CA ARG B 103 -1.12 27.29 24.86
C ARG B 103 -1.92 26.32 25.72
N ALA B 104 -2.67 26.85 26.68
CA ALA B 104 -3.49 26.01 27.55
C ALA B 104 -4.54 25.25 26.74
N LEU B 105 -5.16 25.91 25.79
CA LEU B 105 -6.17 25.26 24.96
C LEU B 105 -5.54 24.18 24.09
N ALA B 106 -4.41 24.49 23.46
CA ALA B 106 -3.72 23.54 22.60
C ALA B 106 -3.25 22.33 23.38
N ASN B 107 -2.70 22.56 24.56
CA ASN B 107 -2.21 21.47 25.40
C ASN B 107 -3.34 20.51 25.72
N GLN B 108 -4.57 21.03 25.70
CA GLN B 108 -5.75 20.22 25.99
C GLN B 108 -6.17 19.23 24.89
N VAL B 109 -5.84 19.53 23.63
CA VAL B 109 -6.22 18.63 22.55
C VAL B 109 -5.13 17.63 22.17
N VAL B 110 -3.92 17.81 22.69
CA VAL B 110 -2.82 16.89 22.38
C VAL B 110 -2.05 16.49 23.64
N GLY B 111 -2.56 16.92 24.80
CA GLY B 111 -1.91 16.62 26.06
C GLY B 111 -1.90 15.16 26.47
N MET B 112 -1.16 14.86 27.53
CA MET B 112 -1.05 13.49 28.03
C MET B 112 -2.38 12.77 28.16
N PRO B 113 -3.41 13.43 28.72
CA PRO B 113 -4.72 12.78 28.87
C PRO B 113 -5.26 12.28 27.54
N VAL B 114 -4.98 13.02 26.47
CA VAL B 114 -5.45 12.65 25.14
C VAL B 114 -4.59 11.51 24.60
N VAL B 115 -3.32 11.50 24.97
CA VAL B 115 -2.40 10.46 24.51
C VAL B 115 -2.80 9.12 25.10
N ASP B 116 -3.10 9.10 26.40
CA ASP B 116 -3.50 7.86 27.06
C ASP B 116 -4.68 7.29 26.28
N LYS B 117 -5.61 8.18 25.92
CA LYS B 117 -6.81 7.84 25.16
C LYS B 117 -6.50 7.12 23.85
N LEU B 118 -5.50 7.62 23.14
CA LEU B 118 -5.10 7.06 21.86
C LEU B 118 -4.18 5.85 21.98
N GLU B 119 -3.77 5.53 23.20
CA GLU B 119 -2.86 4.41 23.43
C GLU B 119 -3.15 3.17 22.58
N ASN B 120 -4.33 2.59 22.76
CA ASN B 120 -4.71 1.39 22.03
C ASN B 120 -4.69 1.54 20.51
N ARG B 121 -5.18 2.66 19.99
CA ARG B 121 -5.19 2.89 18.55
C ARG B 121 -3.79 3.01 17.99
N ILE B 122 -2.91 3.64 18.75
CA ILE B 122 -1.52 3.82 18.33
C ILE B 122 -0.89 2.43 18.28
N GLN B 123 -1.12 1.67 19.34
CA GLN B 123 -0.60 0.32 19.46
C GLN B 123 -1.10 -0.54 18.30
N GLU B 124 -2.42 -0.51 18.07
CA GLU B 124 -3.03 -1.30 17.01
C GLU B 124 -2.51 -0.96 15.61
N LEU B 125 -2.44 0.33 15.31
CA LEU B 125 -1.96 0.80 14.01
C LEU B 125 -0.52 0.39 13.77
N ALA B 126 0.33 0.56 14.78
CA ALA B 126 1.73 0.20 14.66
C ALA B 126 1.83 -1.29 14.34
N CYS B 127 1.17 -2.11 15.15
CA CYS B 127 1.18 -3.56 14.96
C CYS B 127 0.63 -3.98 13.60
N SER B 128 -0.46 -3.35 13.17
CA SER B 128 -1.08 -3.67 11.88
C SER B 128 -0.13 -3.39 10.71
N LEU B 129 0.50 -2.22 10.74
CA LEU B 129 1.43 -1.81 9.69
C LEU B 129 2.66 -2.72 9.62
N ILE B 130 3.24 -3.02 10.77
CA ILE B 130 4.43 -3.85 10.83
C ILE B 130 4.14 -5.29 10.42
N GLU B 131 3.00 -5.82 10.85
CA GLU B 131 2.64 -7.19 10.52
C GLU B 131 2.48 -7.38 9.02
N SER B 132 1.93 -6.37 8.34
CA SER B 132 1.76 -6.46 6.89
C SER B 132 3.08 -6.43 6.15
N LEU B 133 4.05 -5.68 6.69
CA LEU B 133 5.36 -5.59 6.06
C LEU B 133 6.23 -6.79 6.38
N ARG B 134 6.08 -7.32 7.60
CA ARG B 134 6.88 -8.44 8.09
C ARG B 134 7.20 -9.56 7.09
N PRO B 135 6.17 -10.22 6.54
CA PRO B 135 6.48 -11.30 5.58
C PRO B 135 7.08 -10.84 4.25
N GLN B 136 6.99 -9.55 3.96
CA GLN B 136 7.52 -9.02 2.70
C GLN B 136 9.03 -8.93 2.62
N GLY B 137 9.69 -8.92 3.79
CA GLY B 137 11.14 -8.86 3.82
C GLY B 137 11.77 -7.57 3.32
N GLN B 138 10.96 -6.52 3.16
CA GLN B 138 11.49 -5.26 2.68
C GLN B 138 10.44 -4.16 2.77
N CYS B 139 10.90 -2.91 2.71
CA CYS B 139 10.00 -1.78 2.77
C CYS B 139 10.73 -0.48 2.50
N ASN B 140 9.95 0.55 2.16
CA ASN B 140 10.47 1.88 1.97
C ASN B 140 9.94 2.51 3.25
N PHE B 141 10.75 2.48 4.28
CA PHE B 141 10.34 2.96 5.60
C PHE B 141 9.65 4.31 5.65
N THR B 142 10.15 5.28 4.89
CA THR B 142 9.55 6.62 4.92
C THR B 142 8.09 6.58 4.46
N GLU B 143 7.85 5.90 3.36
CA GLU B 143 6.51 5.80 2.79
C GLU B 143 5.63 4.76 3.47
N ASP B 144 6.22 3.63 3.83
CA ASP B 144 5.48 2.52 4.42
C ASP B 144 5.21 2.55 5.91
N TYR B 145 5.93 3.37 6.67
CA TYR B 145 5.70 3.44 8.11
C TYR B 145 5.88 4.82 8.73
N ALA B 146 7.04 5.44 8.51
CA ALA B 146 7.33 6.75 9.09
C ALA B 146 6.25 7.78 8.83
N GLU B 147 5.68 7.75 7.64
CA GLU B 147 4.63 8.70 7.29
C GLU B 147 3.24 8.25 7.76
N PRO B 148 2.74 7.11 7.27
CA PRO B 148 1.41 6.63 7.68
C PRO B 148 1.14 6.43 9.17
N PHE B 149 2.10 5.92 9.92
CA PHE B 149 1.88 5.68 11.34
C PHE B 149 1.54 6.97 12.09
N PRO B 150 2.45 7.95 12.12
CA PRO B 150 2.08 9.17 12.85
C PRO B 150 1.01 10.04 12.18
N ILE B 151 1.02 10.09 10.85
CA ILE B 151 0.03 10.92 10.17
C ILE B 151 -1.40 10.41 10.31
N ARG B 152 -1.60 9.10 10.19
CA ARG B 152 -2.95 8.56 10.33
C ARG B 152 -3.48 8.78 11.74
N ILE B 153 -2.59 8.70 12.73
CA ILE B 153 -3.01 8.94 14.11
C ILE B 153 -3.47 10.37 14.26
N PHE B 154 -2.71 11.32 13.72
CA PHE B 154 -3.08 12.72 13.82
C PHE B 154 -4.38 12.99 13.08
N MET B 155 -4.54 12.41 11.89
CA MET B 155 -5.76 12.63 11.12
C MET B 155 -6.95 12.05 11.88
N LEU B 156 -6.71 10.97 12.61
CA LEU B 156 -7.77 10.35 13.41
C LEU B 156 -8.13 11.34 14.52
N LEU B 157 -7.11 11.83 15.21
CA LEU B 157 -7.32 12.79 16.29
C LEU B 157 -8.03 14.05 15.80
N ALA B 158 -7.67 14.51 14.60
CA ALA B 158 -8.25 15.72 14.03
C ALA B 158 -9.56 15.48 13.29
N GLY B 159 -9.92 14.21 13.10
CA GLY B 159 -11.15 13.89 12.40
C GLY B 159 -11.10 14.33 10.95
N LEU B 160 -9.95 14.14 10.32
CA LEU B 160 -9.77 14.51 8.92
C LEU B 160 -9.57 13.29 8.03
N PRO B 161 -10.12 13.32 6.80
CA PRO B 161 -10.03 12.25 5.82
C PRO B 161 -8.59 11.92 5.46
N GLU B 162 -8.23 10.65 5.49
CA GLU B 162 -6.86 10.26 5.16
C GLU B 162 -6.51 10.60 3.72
N GLU B 163 -7.50 10.64 2.84
CA GLU B 163 -7.22 10.94 1.43
C GLU B 163 -6.71 12.37 1.25
N ASP B 164 -6.79 13.17 2.30
CA ASP B 164 -6.32 14.56 2.25
C ASP B 164 -4.84 14.66 2.58
N ILE B 165 -4.25 13.58 3.08
CA ILE B 165 -2.85 13.60 3.46
C ILE B 165 -1.85 14.04 2.39
N PRO B 166 -1.95 13.52 1.15
CA PRO B 166 -0.97 13.96 0.14
C PRO B 166 -0.88 15.48 -0.03
N HIS B 167 -2.02 16.15 -0.08
CA HIS B 167 -2.03 17.59 -0.23
C HIS B 167 -1.47 18.28 1.01
N LEU B 168 -1.98 17.91 2.19
CA LEU B 168 -1.53 18.54 3.43
C LEU B 168 -0.04 18.32 3.69
N LYS B 169 0.43 17.11 3.42
CA LYS B 169 1.84 16.78 3.63
C LYS B 169 2.72 17.62 2.73
N TYR B 170 2.32 17.80 1.48
CA TYR B 170 3.08 18.62 0.55
C TYR B 170 3.18 20.04 1.10
N LEU B 171 2.05 20.57 1.58
CA LEU B 171 2.02 21.92 2.14
C LEU B 171 2.90 22.09 3.37
N THR B 172 2.81 21.16 4.31
CA THR B 172 3.61 21.26 5.53
C THR B 172 5.10 21.20 5.19
N ASP B 173 5.45 20.34 4.24
CA ASP B 173 6.84 20.22 3.84
C ASP B 173 7.40 21.48 3.19
N GLN B 174 6.55 22.27 2.53
CA GLN B 174 7.05 23.50 1.90
C GLN B 174 7.37 24.55 2.97
N MET B 175 6.78 24.38 4.16
CA MET B 175 7.01 25.34 5.24
C MET B 175 8.29 25.05 6.02
N THR B 176 8.77 23.82 5.92
CA THR B 176 9.96 23.43 6.67
C THR B 176 11.17 23.11 5.79
N ARG B 177 10.91 22.50 4.64
CA ARG B 177 11.97 22.12 3.68
C ARG B 177 11.48 22.46 2.28
N PRO B 178 11.26 23.75 1.99
CA PRO B 178 10.77 24.16 0.67
C PRO B 178 11.60 23.73 -0.53
N ASP B 179 10.93 23.13 -1.51
CA ASP B 179 11.59 22.69 -2.73
C ASP B 179 11.63 23.82 -3.76
N GLY B 180 11.04 24.96 -3.39
CA GLY B 180 11.05 26.12 -4.28
C GLY B 180 9.77 26.43 -5.02
N SER B 181 8.82 25.51 -5.05
CA SER B 181 7.56 25.73 -5.75
C SER B 181 6.62 26.64 -4.97
N MET B 182 6.81 26.73 -3.66
CA MET B 182 5.95 27.54 -2.82
C MET B 182 6.69 28.31 -1.73
N THR B 183 6.29 29.55 -1.50
CA THR B 183 6.91 30.33 -0.44
C THR B 183 6.21 29.87 0.83
N PHE B 184 6.78 30.20 1.99
CA PHE B 184 6.14 29.83 3.25
C PHE B 184 4.74 30.44 3.30
N ALA B 185 4.65 31.69 2.88
CA ALA B 185 3.38 32.41 2.87
C ALA B 185 2.32 31.71 2.01
N GLU B 186 2.71 31.26 0.82
CA GLU B 186 1.76 30.59 -0.06
C GLU B 186 1.31 29.25 0.55
N ALA B 187 2.22 28.54 1.19
CA ALA B 187 1.90 27.25 1.81
C ALA B 187 0.96 27.46 2.98
N LYS B 188 1.21 28.51 3.76
CA LYS B 188 0.38 28.81 4.91
C LYS B 188 -1.03 29.15 4.42
N GLU B 189 -1.09 30.02 3.42
CA GLU B 189 -2.37 30.44 2.83
C GLU B 189 -3.19 29.22 2.39
N ALA B 190 -2.52 28.25 1.78
CA ALA B 190 -3.19 27.03 1.31
C ALA B 190 -3.67 26.17 2.48
N LEU B 191 -2.89 26.11 3.55
CA LEU B 191 -3.28 25.32 4.72
C LEU B 191 -4.50 25.97 5.36
N TYR B 192 -4.48 27.30 5.45
CA TYR B 192 -5.59 28.02 6.03
C TYR B 192 -6.82 27.87 5.15
N ASP B 193 -6.63 27.91 3.84
CA ASP B 193 -7.73 27.77 2.91
C ASP B 193 -8.46 26.43 3.12
N TYR B 194 -7.68 25.40 3.42
CA TYR B 194 -8.21 24.07 3.68
C TYR B 194 -9.00 24.02 4.98
N LEU B 195 -8.47 24.68 5.99
CA LEU B 195 -9.12 24.67 7.31
C LEU B 195 -10.34 25.55 7.47
N ILE B 196 -10.37 26.68 6.77
CA ILE B 196 -11.48 27.61 6.91
C ILE B 196 -12.89 26.99 6.89
N PRO B 197 -13.24 26.24 5.85
CA PRO B 197 -14.60 25.66 5.87
C PRO B 197 -14.83 24.57 6.92
N ILE B 198 -13.78 23.81 7.22
CA ILE B 198 -13.88 22.73 8.20
C ILE B 198 -14.14 23.30 9.60
N ILE B 199 -13.45 24.39 9.93
CA ILE B 199 -13.60 25.06 11.21
C ILE B 199 -15.01 25.64 11.34
N GLU B 200 -15.51 26.24 10.27
CA GLU B 200 -16.85 26.82 10.26
C GLU B 200 -17.91 25.74 10.50
N GLN B 201 -17.73 24.61 9.83
CA GLN B 201 -18.67 23.49 9.96
C GLN B 201 -18.68 22.91 11.37
N ARG B 202 -17.51 22.78 11.98
CA ARG B 202 -17.44 22.19 13.31
C ARG B 202 -17.77 23.14 14.45
N ARG B 203 -17.94 24.42 14.14
CA ARG B 203 -18.32 25.39 15.16
C ARG B 203 -19.85 25.36 15.23
N GLN B 204 -20.47 24.85 14.17
CA GLN B 204 -21.92 24.74 14.10
C GLN B 204 -22.35 23.36 14.63
N LYS B 205 -21.71 22.32 14.11
CA LYS B 205 -22.00 20.96 14.54
C LYS B 205 -20.74 20.40 15.21
N PRO B 206 -20.49 20.79 16.47
CA PRO B 206 -19.33 20.34 17.25
C PRO B 206 -19.14 18.83 17.34
N GLY B 207 -17.89 18.39 17.28
CA GLY B 207 -17.57 16.98 17.37
C GLY B 207 -16.64 16.79 18.55
N THR B 208 -15.97 15.64 18.63
CA THR B 208 -15.05 15.37 19.71
C THR B 208 -13.61 15.36 19.22
N ASP B 209 -13.43 15.67 17.95
CA ASP B 209 -12.11 15.71 17.33
C ASP B 209 -11.36 16.96 17.79
N ALA B 210 -10.06 16.97 17.55
CA ALA B 210 -9.21 18.10 17.95
C ALA B 210 -9.64 19.43 17.35
N ILE B 211 -10.06 19.43 16.10
CA ILE B 211 -10.47 20.68 15.46
C ILE B 211 -11.73 21.25 16.12
N SER B 212 -12.71 20.39 16.37
CA SER B 212 -13.93 20.83 17.02
C SER B 212 -13.64 21.40 18.40
N ILE B 213 -12.72 20.75 19.12
CA ILE B 213 -12.37 21.21 20.46
C ILE B 213 -11.71 22.58 20.43
N VAL B 214 -10.81 22.79 19.48
CA VAL B 214 -10.13 24.08 19.37
C VAL B 214 -11.11 25.16 18.90
N ALA B 215 -11.86 24.85 17.84
CA ALA B 215 -12.79 25.79 17.24
C ALA B 215 -13.93 26.24 18.16
N ASN B 216 -14.30 25.39 19.11
CA ASN B 216 -15.37 25.73 20.05
C ASN B 216 -14.80 26.03 21.42
N GLY B 217 -13.49 26.11 21.50
CA GLY B 217 -12.83 26.36 22.77
C GLY B 217 -12.88 27.76 23.32
N GLN B 218 -12.36 27.90 24.53
CA GLN B 218 -12.30 29.18 25.20
C GLN B 218 -10.87 29.44 25.61
N VAL B 219 -10.48 30.71 25.61
CA VAL B 219 -9.14 31.08 26.02
C VAL B 219 -9.33 32.04 27.17
N ASN B 220 -8.81 31.66 28.33
CA ASN B 220 -8.94 32.47 29.53
C ASN B 220 -10.39 32.93 29.73
N GLY B 221 -11.33 32.04 29.46
CA GLY B 221 -12.73 32.38 29.67
C GLY B 221 -13.55 32.99 28.55
N ARG B 222 -12.92 33.45 27.48
CA ARG B 222 -13.69 34.03 26.39
C ARG B 222 -13.59 33.18 25.12
N PRO B 223 -14.64 33.21 24.29
CA PRO B 223 -14.68 32.44 23.05
C PRO B 223 -13.51 32.68 22.10
N ILE B 224 -13.00 31.60 21.54
CA ILE B 224 -11.91 31.72 20.59
C ILE B 224 -12.56 32.15 19.27
N THR B 225 -11.85 32.93 18.47
CA THR B 225 -12.40 33.38 17.19
C THR B 225 -12.07 32.40 16.08
N SER B 226 -12.72 32.56 14.94
CA SER B 226 -12.47 31.69 13.80
C SER B 226 -11.03 31.82 13.31
N ASP B 227 -10.51 33.05 13.33
CA ASP B 227 -9.14 33.28 12.89
C ASP B 227 -8.14 32.62 13.84
N GLU B 228 -8.36 32.77 15.14
CA GLU B 228 -7.47 32.16 16.12
C GLU B 228 -7.50 30.64 16.02
N ALA B 229 -8.69 30.08 15.81
CA ALA B 229 -8.83 28.63 15.69
C ALA B 229 -8.04 28.13 14.49
N LYS B 230 -8.07 28.90 13.41
CA LYS B 230 -7.36 28.53 12.17
C LYS B 230 -5.85 28.57 12.40
N ARG B 231 -5.40 29.63 13.06
CA ARG B 231 -3.98 29.79 13.34
C ARG B 231 -3.48 28.71 14.29
N MET B 232 -4.36 28.20 15.15
CA MET B 232 -3.95 27.13 16.06
C MET B 232 -3.98 25.77 15.37
N CYS B 233 -5.07 25.49 14.66
CA CYS B 233 -5.18 24.19 13.98
C CYS B 233 -4.11 23.99 12.94
N GLY B 234 -3.72 25.07 12.29
CA GLY B 234 -2.69 24.97 11.27
C GLY B 234 -1.41 24.50 11.92
N LEU B 235 -1.10 25.03 13.09
CA LEU B 235 0.12 24.62 13.77
C LEU B 235 0.05 23.15 14.17
N LEU B 236 -1.11 22.70 14.63
CA LEU B 236 -1.25 21.30 15.02
C LEU B 236 -1.02 20.38 13.84
N LEU B 237 -1.52 20.77 12.68
CA LEU B 237 -1.34 19.96 11.47
C LEU B 237 0.13 19.83 11.12
N VAL B 238 0.88 20.93 11.22
CA VAL B 238 2.30 20.90 10.91
C VAL B 238 3.01 19.98 11.91
N GLY B 239 2.67 20.09 13.19
CA GLY B 239 3.31 19.22 14.17
C GLY B 239 2.99 17.75 13.95
N GLY B 240 1.76 17.47 13.54
CA GLY B 240 1.37 16.09 13.32
C GLY B 240 1.91 15.46 12.05
N LEU B 241 2.16 16.27 11.01
CA LEU B 241 2.63 15.73 9.74
C LEU B 241 4.11 15.86 9.42
N ASP B 242 4.86 16.62 10.20
CA ASP B 242 6.27 16.79 9.88
C ASP B 242 7.27 16.83 11.03
N THR B 243 7.01 16.04 12.07
CA THR B 243 7.92 15.97 13.19
C THR B 243 8.30 14.51 13.45
N VAL B 244 7.42 13.77 14.12
CA VAL B 244 7.69 12.36 14.41
C VAL B 244 7.98 11.59 13.12
N VAL B 245 7.29 11.96 12.04
CA VAL B 245 7.46 11.34 10.73
C VAL B 245 8.93 11.28 10.31
N ASN B 246 9.65 12.36 10.56
CA ASN B 246 11.05 12.44 10.20
C ASN B 246 11.95 11.77 11.22
N PHE B 247 11.65 12.01 12.50
CA PHE B 247 12.46 11.43 13.56
C PHE B 247 12.50 9.90 13.49
N LEU B 248 11.37 9.29 13.18
CA LEU B 248 11.31 7.84 13.10
C LEU B 248 12.32 7.30 12.10
N SER B 249 12.44 7.96 10.96
CA SER B 249 13.38 7.53 9.92
C SER B 249 14.85 7.66 10.35
N PHE B 250 15.18 8.71 11.10
CA PHE B 250 16.55 8.88 11.56
C PHE B 250 16.91 7.75 12.54
N SER B 251 15.96 7.42 13.41
CA SER B 251 16.17 6.37 14.41
C SER B 251 16.28 5.00 13.78
N MET B 252 15.41 4.70 12.83
CA MET B 252 15.43 3.40 12.17
C MET B 252 16.62 3.24 11.24
N GLU B 253 17.14 4.35 10.71
CA GLU B 253 18.30 4.28 9.83
C GLU B 253 19.47 3.85 10.72
N PHE B 254 19.53 4.47 11.89
CA PHE B 254 20.58 4.17 12.86
C PHE B 254 20.52 2.72 13.32
N LEU B 255 19.33 2.26 13.68
CA LEU B 255 19.17 0.87 14.14
C LEU B 255 19.48 -0.12 13.03
N ALA B 256 19.13 0.24 11.80
CA ALA B 256 19.39 -0.63 10.65
C ALA B 256 20.89 -0.76 10.41
N LYS B 257 21.64 0.26 10.79
CA LYS B 257 23.09 0.24 10.59
C LYS B 257 23.87 -0.17 11.84
N SER B 258 23.16 -0.49 12.93
CA SER B 258 23.82 -0.89 14.17
C SER B 258 23.20 -2.11 14.85
N PRO B 259 23.60 -3.32 14.42
CA PRO B 259 23.09 -4.59 14.97
C PRO B 259 23.17 -4.66 16.50
N GLU B 260 24.29 -4.19 17.04
CA GLU B 260 24.53 -4.22 18.47
C GLU B 260 23.51 -3.43 19.28
N HIS B 261 23.12 -2.27 18.79
CA HIS B 261 22.14 -1.46 19.53
C HIS B 261 20.78 -2.15 19.51
N ARG B 262 20.46 -2.81 18.41
CA ARG B 262 19.18 -3.50 18.31
C ARG B 262 19.15 -4.65 19.32
N GLN B 263 20.20 -5.45 19.34
CA GLN B 263 20.28 -6.57 20.26
C GLN B 263 20.13 -6.09 21.69
N GLU B 264 20.70 -4.93 21.98
CA GLU B 264 20.63 -4.39 23.33
C GLU B 264 19.17 -4.23 23.75
N LEU B 265 18.36 -3.71 22.83
CA LEU B 265 16.94 -3.50 23.11
C LEU B 265 16.16 -4.81 22.97
N ILE B 266 16.67 -5.71 22.14
CA ILE B 266 16.04 -7.01 21.95
C ILE B 266 16.22 -7.80 23.24
N GLU B 267 17.48 -7.99 23.64
CA GLU B 267 17.80 -8.71 24.87
C GLU B 267 17.24 -7.98 26.08
N ARG B 268 17.31 -6.65 26.06
CA ARG B 268 16.81 -5.84 27.18
C ARG B 268 15.80 -4.77 26.72
N PRO B 269 14.52 -5.16 26.58
CA PRO B 269 13.44 -4.26 26.16
C PRO B 269 13.07 -3.14 27.13
N GLU B 270 13.36 -3.32 28.41
CA GLU B 270 13.02 -2.30 29.40
C GLU B 270 13.88 -1.04 29.23
N ARG B 271 14.84 -1.11 28.31
CA ARG B 271 15.72 0.02 28.04
C ARG B 271 15.20 0.84 26.87
N ILE B 272 14.03 0.50 26.35
CA ILE B 272 13.48 1.22 25.21
C ILE B 272 13.15 2.68 25.49
N PRO B 273 12.49 2.97 26.62
CA PRO B 273 12.19 4.38 26.90
C PRO B 273 13.46 5.23 26.99
N ALA B 274 14.49 4.68 27.63
CA ALA B 274 15.76 5.38 27.76
C ALA B 274 16.41 5.51 26.39
N ALA B 275 16.30 4.47 25.58
CA ALA B 275 16.87 4.50 24.24
C ALA B 275 16.15 5.58 23.43
N CYS B 276 14.86 5.74 23.70
CA CYS B 276 14.05 6.75 23.02
C CYS B 276 14.63 8.13 23.27
N GLU B 277 14.93 8.40 24.54
CA GLU B 277 15.47 9.70 24.92
C GLU B 277 16.84 9.97 24.33
N GLU B 278 17.70 8.95 24.31
CA GLU B 278 19.03 9.11 23.75
C GLU B 278 18.95 9.33 22.24
N LEU B 279 18.03 8.65 21.57
CA LEU B 279 17.88 8.84 20.13
C LEU B 279 17.36 10.26 19.86
N LEU B 280 16.46 10.73 20.72
CA LEU B 280 15.92 12.08 20.57
C LEU B 280 17.05 13.10 20.69
N ARG B 281 18.07 12.80 21.49
CA ARG B 281 19.20 13.69 21.63
C ARG B 281 20.13 13.60 20.41
N ARG B 282 20.57 12.40 20.09
CA ARG B 282 21.47 12.17 18.97
C ARG B 282 20.91 12.54 17.60
N PHE B 283 19.63 12.29 17.40
CA PHE B 283 19.00 12.58 16.12
C PHE B 283 17.98 13.71 16.20
N SER B 284 18.32 14.70 17.03
CA SER B 284 17.50 15.90 17.21
C SER B 284 17.35 16.48 15.80
N LEU B 285 16.21 17.10 15.51
CA LEU B 285 16.01 17.56 14.14
C LEU B 285 15.36 18.91 13.89
N VAL B 286 15.07 19.67 14.93
CA VAL B 286 14.41 20.97 14.72
C VAL B 286 15.34 22.15 14.91
N ALA B 287 15.13 23.18 14.10
CA ALA B 287 15.92 24.39 14.22
C ALA B 287 15.17 25.65 13.79
N ASP B 288 14.58 26.36 14.75
CA ASP B 288 13.96 27.64 14.41
C ASP B 288 14.61 28.71 15.28
N GLY B 289 13.99 29.87 15.44
CA GLY B 289 14.64 30.90 16.22
C GLY B 289 13.74 32.01 16.71
N ARG B 290 14.35 33.19 16.89
CA ARG B 290 13.66 34.36 17.40
C ARG B 290 14.13 35.63 16.70
N ILE B 291 13.53 36.76 17.07
CA ILE B 291 13.92 38.04 16.50
C ILE B 291 14.19 39.03 17.64
N LEU B 292 15.24 39.84 17.48
CA LEU B 292 15.60 40.82 18.51
C LEU B 292 14.58 41.93 18.62
N THR B 293 14.08 42.16 19.83
CA THR B 293 13.08 43.20 20.08
C THR B 293 13.72 44.57 20.24
N SER B 294 15.01 44.59 20.54
CA SER B 294 15.75 45.84 20.73
C SER B 294 17.23 45.55 20.64
N ASP B 295 18.05 46.60 20.57
CA ASP B 295 19.50 46.41 20.52
C ASP B 295 19.87 45.77 21.84
N TYR B 296 20.72 44.74 21.80
CA TYR B 296 21.08 44.02 23.00
C TYR B 296 22.44 43.35 22.87
N GLU B 297 23.28 43.51 23.88
CA GLU B 297 24.59 42.88 23.88
C GLU B 297 24.43 41.53 24.54
N PHE B 298 24.76 40.48 23.78
CA PHE B 298 24.62 39.10 24.23
C PHE B 298 25.96 38.39 24.09
N HIS B 299 26.52 37.93 25.21
CA HIS B 299 27.80 37.22 25.18
C HIS B 299 28.86 37.97 24.38
N GLY B 300 28.99 39.27 24.68
CA GLY B 300 29.98 40.11 24.03
C GLY B 300 29.69 40.55 22.60
N VAL B 301 28.54 40.17 22.06
CA VAL B 301 28.20 40.53 20.69
C VAL B 301 27.03 41.51 20.65
N GLN B 302 27.18 42.58 19.88
CA GLN B 302 26.13 43.59 19.77
C GLN B 302 25.04 43.17 18.79
N LEU B 303 23.88 42.81 19.31
CA LEU B 303 22.77 42.40 18.48
C LEU B 303 21.91 43.64 18.25
N LYS B 304 21.33 43.75 17.07
CA LYS B 304 20.53 44.91 16.71
C LYS B 304 19.03 44.60 16.58
N LYS B 305 18.20 45.52 17.01
CA LYS B 305 16.75 45.34 16.92
C LYS B 305 16.38 44.89 15.50
N GLY B 306 15.62 43.81 15.40
CA GLY B 306 15.23 43.32 14.08
C GLY B 306 16.11 42.20 13.58
N ASP B 307 17.28 42.01 14.18
CA ASP B 307 18.15 40.93 13.74
C ASP B 307 17.45 39.60 14.02
N GLN B 308 17.65 38.63 13.14
CA GLN B 308 17.08 37.33 13.36
C GLN B 308 18.19 36.47 13.93
N ILE B 309 17.83 35.57 14.84
CA ILE B 309 18.82 34.66 15.41
C ILE B 309 18.28 33.23 15.43
N LEU B 310 18.98 32.35 14.72
CA LEU B 310 18.62 30.95 14.66
C LEU B 310 19.18 30.31 15.95
N LEU B 311 18.30 29.63 16.69
CA LEU B 311 18.67 28.96 17.94
C LEU B 311 18.34 27.48 17.75
N PRO B 312 19.20 26.74 17.03
CA PRO B 312 19.02 25.31 16.73
C PRO B 312 18.77 24.36 17.90
N GLN B 313 17.52 23.97 18.10
CA GLN B 313 17.20 23.05 19.19
C GLN B 313 18.06 21.80 19.06
N MET B 314 18.36 21.43 17.82
CA MET B 314 19.17 20.25 17.48
C MET B 314 20.57 20.28 18.09
N LEU B 315 21.19 21.46 18.11
CA LEU B 315 22.56 21.61 18.61
C LEU B 315 22.86 21.44 20.10
N SER B 316 21.90 21.77 20.95
CA SER B 316 22.14 21.67 22.40
C SER B 316 22.66 20.30 22.84
N GLY B 317 21.93 19.26 22.47
CA GLY B 317 22.32 17.91 22.85
C GLY B 317 23.52 17.34 22.13
N LEU B 318 23.93 17.96 21.03
CA LEU B 318 25.08 17.51 20.26
C LEU B 318 26.34 18.24 20.73
N ASP B 319 26.14 19.23 21.60
CA ASP B 319 27.21 20.05 22.17
C ASP B 319 28.04 19.22 23.15
N GLU B 320 29.34 19.09 22.88
CA GLU B 320 30.22 18.33 23.76
C GLU B 320 30.22 18.92 25.18
N ARG B 321 29.88 20.20 25.29
CA ARG B 321 29.82 20.87 26.58
C ARG B 321 28.58 20.46 27.38
N GLU B 322 27.70 19.69 26.74
CA GLU B 322 26.50 19.19 27.42
C GLU B 322 26.55 17.68 27.52
N ASN B 323 27.16 17.03 26.53
CA ASN B 323 27.25 15.57 26.51
C ASN B 323 28.58 15.09 25.93
N ALA B 324 29.34 14.34 26.73
CA ALA B 324 30.62 13.81 26.27
C ALA B 324 30.38 12.85 25.11
N CYS B 325 31.29 12.83 24.14
CA CYS B 325 31.17 11.97 22.97
C CYS B 325 29.74 12.07 22.45
N PRO B 326 29.31 13.29 22.10
CA PRO B 326 27.97 13.57 21.59
C PRO B 326 27.47 12.77 20.39
N MET B 327 28.35 12.45 19.44
CA MET B 327 27.91 11.69 18.28
C MET B 327 27.71 10.20 18.54
N HIS B 328 28.12 9.75 19.71
CA HIS B 328 28.00 8.35 20.09
C HIS B 328 26.65 8.08 20.75
N VAL B 329 26.00 6.99 20.34
CA VAL B 329 24.72 6.62 20.92
C VAL B 329 24.93 5.62 22.05
N ASP B 330 24.58 6.03 23.26
CA ASP B 330 24.72 5.20 24.45
C ASP B 330 23.40 5.16 25.21
N PHE B 331 22.65 4.09 25.03
CA PHE B 331 21.36 3.95 25.69
C PHE B 331 21.49 3.99 27.22
N SER B 332 22.70 3.82 27.73
CA SER B 332 22.94 3.84 29.17
C SER B 332 23.47 5.20 29.63
N ARG B 333 23.51 6.17 28.72
CA ARG B 333 24.00 7.51 29.04
C ARG B 333 23.29 7.99 30.32
N GLN B 334 24.08 8.34 31.33
CA GLN B 334 23.56 8.76 32.63
C GLN B 334 22.70 10.02 32.64
N LYS B 335 23.16 11.06 31.96
CA LYS B 335 22.42 12.31 31.93
C LYS B 335 22.26 12.79 30.49
N VAL B 336 21.19 12.37 29.85
CA VAL B 336 20.92 12.75 28.47
C VAL B 336 20.41 14.18 28.43
N SER B 337 21.31 15.10 28.12
CA SER B 337 20.99 16.52 28.05
C SER B 337 20.60 16.93 26.63
N HIS B 338 19.48 17.65 26.48
CA HIS B 338 19.06 18.08 25.15
C HIS B 338 17.93 19.11 25.20
N THR B 339 17.66 19.75 24.06
CA THR B 339 16.54 20.70 23.93
C THR B 339 15.80 20.29 22.66
N THR B 340 15.68 18.99 22.44
CA THR B 340 15.02 18.48 21.24
C THR B 340 13.58 18.94 21.09
N PHE B 341 12.87 19.04 22.21
CA PHE B 341 11.48 19.50 22.21
C PHE B 341 11.38 20.98 22.53
N GLY B 342 12.48 21.70 22.37
CA GLY B 342 12.47 23.12 22.66
C GLY B 342 12.91 23.47 24.07
N HIS B 343 12.77 24.73 24.43
CA HIS B 343 13.17 25.21 25.74
C HIS B 343 12.40 26.49 26.05
N GLY B 344 12.05 26.70 27.31
CA GLY B 344 11.33 27.90 27.67
C GLY B 344 9.82 27.76 27.62
N SER B 345 9.13 28.88 27.47
CA SER B 345 7.67 28.89 27.46
C SER B 345 7.02 28.18 26.29
N HIS B 346 7.80 27.93 25.23
CA HIS B 346 7.26 27.25 24.05
C HIS B 346 7.56 25.75 23.97
N LEU B 347 7.96 25.15 25.09
CA LEU B 347 8.24 23.71 25.13
C LEU B 347 7.17 22.94 24.38
N CYS B 348 7.60 21.98 23.57
CA CYS B 348 6.69 21.17 22.76
C CYS B 348 5.47 20.62 23.50
N LEU B 349 4.29 20.85 22.93
CA LEU B 349 3.04 20.36 23.52
C LEU B 349 2.73 18.94 23.06
N GLY B 350 3.35 18.49 21.98
CA GLY B 350 3.08 17.15 21.50
C GLY B 350 4.14 16.12 21.84
N GLN B 351 5.08 16.47 22.72
CA GLN B 351 6.14 15.56 23.08
C GLN B 351 5.64 14.26 23.72
N HIS B 352 4.53 14.33 24.42
CA HIS B 352 3.98 13.13 25.05
C HIS B 352 3.48 12.18 23.97
N LEU B 353 2.80 12.74 22.97
CA LEU B 353 2.30 11.92 21.86
C LEU B 353 3.49 11.40 21.05
N ALA B 354 4.50 12.25 20.89
CA ALA B 354 5.69 11.86 20.14
C ALA B 354 6.42 10.71 20.83
N ARG B 355 6.63 10.82 22.14
CA ARG B 355 7.32 9.74 22.86
C ARG B 355 6.56 8.42 22.80
N ARG B 356 5.24 8.48 22.84
CA ARG B 356 4.45 7.26 22.78
C ARG B 356 4.59 6.59 21.41
N GLU B 357 4.50 7.40 20.36
CA GLU B 357 4.62 6.85 19.00
C GLU B 357 5.99 6.24 18.76
N ILE B 358 7.03 6.85 19.33
CA ILE B 358 8.39 6.37 19.17
C ILE B 358 8.61 5.07 19.95
N ILE B 359 8.25 5.08 21.23
CA ILE B 359 8.41 3.90 22.09
C ILE B 359 7.61 2.72 21.54
N VAL B 360 6.37 2.99 21.14
CA VAL B 360 5.52 1.94 20.57
C VAL B 360 6.14 1.38 19.30
N THR B 361 6.71 2.26 18.47
CA THR B 361 7.35 1.82 17.24
C THR B 361 8.53 0.91 17.56
N LEU B 362 9.38 1.33 18.49
CA LEU B 362 10.56 0.53 18.85
C LEU B 362 10.17 -0.83 19.40
N LYS B 363 9.20 -0.87 20.30
CA LYS B 363 8.75 -2.12 20.90
C LYS B 363 8.15 -3.08 19.88
N GLU B 364 7.11 -2.62 19.19
CA GLU B 364 6.41 -3.43 18.22
C GLU B 364 7.23 -3.85 17.00
N TRP B 365 8.20 -3.04 16.59
CA TRP B 365 9.03 -3.40 15.43
C TRP B 365 10.11 -4.41 15.79
N LEU B 366 10.78 -4.20 16.91
CA LEU B 366 11.85 -5.09 17.32
C LEU B 366 11.36 -6.46 17.75
N THR B 367 10.12 -6.51 18.23
CA THR B 367 9.54 -7.77 18.67
C THR B 367 9.13 -8.64 17.48
N ARG B 368 8.86 -8.00 16.34
CA ARG B 368 8.45 -8.72 15.14
C ARG B 368 9.57 -8.84 14.10
N ILE B 369 10.29 -7.74 13.88
CA ILE B 369 11.38 -7.71 12.91
C ILE B 369 12.67 -7.27 13.61
N PRO B 370 13.21 -8.12 14.50
CA PRO B 370 14.44 -7.82 15.22
C PRO B 370 15.68 -7.59 14.37
N ASP B 371 15.77 -8.27 13.23
CA ASP B 371 16.93 -8.12 12.37
C ASP B 371 16.57 -7.56 11.01
N PHE B 372 17.17 -6.43 10.68
CA PHE B 372 16.96 -5.76 9.39
C PHE B 372 18.17 -4.89 9.10
N SER B 373 18.29 -4.45 7.85
CA SER B 373 19.41 -3.61 7.43
C SER B 373 19.03 -2.73 6.25
N ILE B 374 19.94 -1.82 5.90
CA ILE B 374 19.71 -0.92 4.78
C ILE B 374 19.84 -1.71 3.49
N ALA B 375 18.98 -1.45 2.52
CA ALA B 375 19.02 -2.14 1.24
C ALA B 375 20.42 -2.00 0.62
N PRO B 376 20.98 -3.12 0.13
CA PRO B 376 22.32 -3.09 -0.48
C PRO B 376 22.55 -1.92 -1.44
N GLY B 377 23.69 -1.25 -1.27
CA GLY B 377 24.05 -0.14 -2.13
C GLY B 377 23.37 1.19 -1.89
N ALA B 378 22.27 1.19 -1.13
CA ALA B 378 21.55 2.43 -0.85
C ALA B 378 22.43 3.49 -0.20
N GLN B 379 22.36 4.71 -0.74
CA GLN B 379 23.12 5.85 -0.22
C GLN B 379 22.07 6.74 0.42
N ILE B 380 21.88 6.59 1.73
CA ILE B 380 20.88 7.39 2.43
C ILE B 380 21.18 8.88 2.38
N GLN B 381 20.18 9.65 1.98
CA GLN B 381 20.29 11.09 1.85
C GLN B 381 19.38 11.84 2.82
N HIS B 382 19.94 12.84 3.49
CA HIS B 382 19.17 13.65 4.41
C HIS B 382 18.83 14.99 3.74
N LYS B 383 17.88 15.72 4.33
CA LYS B 383 17.47 17.02 3.81
C LYS B 383 17.38 17.92 5.04
N SER B 384 17.87 19.15 4.91
CA SER B 384 17.90 20.08 6.04
C SER B 384 16.90 21.22 5.89
N GLY B 385 16.48 21.77 7.03
CA GLY B 385 15.56 22.88 7.04
C GLY B 385 15.12 23.19 8.46
N ILE B 386 13.91 23.76 8.62
CA ILE B 386 13.40 24.05 9.95
C ILE B 386 13.29 22.72 10.69
N VAL B 387 12.89 21.69 9.97
CA VAL B 387 12.81 20.33 10.50
C VAL B 387 13.56 19.52 9.45
N SER B 388 14.57 18.76 9.87
CA SER B 388 15.34 17.96 8.93
C SER B 388 14.70 16.60 8.72
N GLY B 389 15.04 15.95 7.61
CA GLY B 389 14.46 14.64 7.35
C GLY B 389 15.33 13.71 6.52
N VAL B 390 14.76 12.54 6.22
CA VAL B 390 15.42 11.51 5.43
C VAL B 390 14.64 11.37 4.13
N GLN B 391 15.32 11.53 2.99
CA GLN B 391 14.63 11.45 1.71
C GLN B 391 14.02 10.09 1.41
N ALA B 392 14.74 9.03 1.75
CA ALA B 392 14.24 7.68 1.50
C ALA B 392 15.03 6.70 2.36
N LEU B 393 14.36 5.66 2.83
CA LEU B 393 15.01 4.67 3.67
C LEU B 393 14.59 3.23 3.32
N PRO B 394 15.25 2.64 2.32
CA PRO B 394 14.92 1.26 1.93
C PRO B 394 15.52 0.26 2.92
N LEU B 395 14.67 -0.60 3.48
CA LEU B 395 15.13 -1.60 4.44
C LEU B 395 14.89 -3.01 3.91
N VAL B 396 15.72 -3.97 4.35
CA VAL B 396 15.59 -5.36 3.94
C VAL B 396 15.79 -6.29 5.12
N TRP B 397 15.16 -7.46 5.06
CA TRP B 397 15.28 -8.45 6.12
C TRP B 397 14.76 -9.81 5.66
N ASP B 398 15.30 -10.86 6.27
CA ASP B 398 14.89 -12.21 5.94
C ASP B 398 13.65 -12.54 6.79
N PRO B 399 12.51 -12.82 6.14
CA PRO B 399 11.27 -13.15 6.83
C PRO B 399 11.44 -14.28 7.83
N ALA B 400 12.40 -15.16 7.56
CA ALA B 400 12.66 -16.29 8.44
C ALA B 400 13.12 -15.84 9.82
N THR B 401 13.67 -14.63 9.91
CA THR B 401 14.16 -14.10 11.17
C THR B 401 13.10 -13.30 11.93
N THR B 402 11.88 -13.26 11.39
CA THR B 402 10.81 -12.50 12.04
C THR B 402 9.91 -13.38 12.90
N LYS B 403 8.93 -12.74 13.53
CA LYS B 403 7.98 -13.42 14.40
C LYS B 403 6.67 -12.67 14.42
N ALA B 404 5.57 -13.41 14.42
CA ALA B 404 4.24 -12.82 14.46
C ALA B 404 3.80 -12.71 15.92
N VAL B 405 3.45 -11.50 16.34
CA VAL B 405 3.03 -11.27 17.72
C VAL B 405 1.61 -10.74 17.78
#